data_5BU2
#
_entry.id   5BU2
#
_cell.length_a   56.867
_cell.length_b   69.707
_cell.length_c   77.027
_cell.angle_alpha   89.87
_cell.angle_beta   72.30
_cell.angle_gamma   70.31
#
_symmetry.space_group_name_H-M   'P 1'
#
loop_
_entity.id
_entity.type
_entity.pdbx_description
1 polymer lpg1496
2 non-polymer "ADENOSINE-5'-DIPHOSPHATE"
3 non-polymer 'ADENOSINE MONOPHOSPHATE'
4 non-polymer alpha-D-ribofuranose
5 water water
#
_entity_poly.entity_id   1
_entity_poly.type   'polypeptide(L)'
_entity_poly.pdbx_seq_one_letter_code
;MDSSISISAIGNVDSPMIRITFQNQTEREFFLNKITDKAKSLGVNISTHPFEIKEPNMVLIKPSKYPDNKLGCYISKNKE
IAINFGRTDFRDFVLSNLGVGSHLGTCPTKNETGNDTFYFHQENLSLNGPALSVNTKITKEIEKNDYLLSANGSKAIDFV
WSNFLKHPYNPKLKQPDANVKAAWEKHADWEHWSNMGQDWSLNTPSGLVPRPNHGIAHTLRVAQLVPVIAEFLKAYSGDP
KFQKLTQKEIQKAQYMMLFSVIGRENDMSWTDANHYQQAFKEAYNGQYSKHIYATFKENAQKGFLNHVVTNKSSLIPSLF
SDESELQYWAEALDTGKPGISSASGILMALAHDLDLMRCYDKGKFNSLKMKDLVARLGGNEDAAKKLADYAHDLIVATGD
RCMGYGVTQDYNYSLFGKCSLDPNECLKQLQSIPKPETTLANQYGILEHHHHHH
;
_entity_poly.pdbx_strand_id   A,B,C,D
#
loop_
_chem_comp.id
_chem_comp.type
_chem_comp.name
_chem_comp.formula
ADP non-polymer ADENOSINE-5'-DIPHOSPHATE 'C10 H15 N5 O10 P2'
AMP non-polymer 'ADENOSINE MONOPHOSPHATE' 'C10 H14 N5 O7 P'
RIB D-saccharide, alpha linking alpha-D-ribofuranose 'C5 H10 O5'
#
# COMPACT_ATOMS: atom_id res chain seq x y z
N ASP A 146 8.67 25.72 13.84
CA ASP A 146 8.68 27.18 13.58
C ASP A 146 9.90 27.60 12.74
N TYR A 147 11.10 27.14 13.12
CA TYR A 147 12.29 27.42 12.32
C TYR A 147 12.31 26.61 11.03
N LEU A 148 11.53 25.53 10.99
CA LEU A 148 11.27 24.81 9.76
C LEU A 148 10.51 25.68 8.75
N LEU A 149 9.93 26.78 9.22
CA LEU A 149 9.28 27.74 8.32
C LEU A 149 10.18 28.94 8.02
N SER A 150 11.37 28.98 8.61
CA SER A 150 12.31 30.06 8.35
C SER A 150 12.85 29.96 6.92
N ALA A 151 13.50 31.03 6.46
CA ALA A 151 14.10 31.04 5.13
C ALA A 151 15.17 29.95 5.04
N ASN A 152 16.08 29.94 6.02
CA ASN A 152 17.12 28.92 6.15
C ASN A 152 16.52 27.52 6.25
N GLY A 153 15.46 27.40 7.05
CA GLY A 153 14.78 26.13 7.28
C GLY A 153 14.23 25.53 5.99
N SER A 154 13.40 26.29 5.28
CA SER A 154 12.77 25.79 4.05
C SER A 154 13.79 25.50 2.96
N LYS A 155 14.82 26.33 2.86
CA LYS A 155 15.91 26.10 1.91
C LYS A 155 16.68 24.79 2.20
N ALA A 156 17.04 24.58 3.47
CA ALA A 156 17.61 23.29 3.87
C ALA A 156 16.68 22.12 3.54
N ILE A 157 15.38 22.27 3.83
CA ILE A 157 14.40 21.21 3.55
C ILE A 157 14.37 20.87 2.05
N ASP A 158 14.26 21.89 1.20
CA ASP A 158 14.25 21.72 -0.25
C ASP A 158 15.51 21.00 -0.69
N PHE A 159 16.65 21.41 -0.15
CA PHE A 159 17.94 20.83 -0.50
C PHE A 159 18.03 19.35 -0.15
N VAL A 160 17.77 19.00 1.11
CA VAL A 160 17.86 17.58 1.53
C VAL A 160 16.84 16.69 0.79
N TRP A 161 15.69 17.24 0.45
CA TRP A 161 14.66 16.50 -0.25
C TRP A 161 15.08 16.23 -1.69
N SER A 162 15.35 17.31 -2.43
CA SER A 162 15.66 17.22 -3.87
C SER A 162 16.95 16.44 -4.14
N ASN A 163 17.97 16.67 -3.33
CA ASN A 163 19.30 16.09 -3.55
C ASN A 163 19.55 14.70 -2.92
N PHE A 164 18.69 14.28 -1.99
CA PHE A 164 18.94 13.05 -1.25
C PHE A 164 17.66 12.24 -0.98
N LEU A 165 16.71 12.84 -0.27
CA LEU A 165 15.60 12.08 0.28
C LEU A 165 14.56 11.52 -0.71
N LYS A 166 14.40 12.19 -1.86
CA LYS A 166 13.43 11.76 -2.86
C LYS A 166 13.99 10.64 -3.73
N HIS A 167 15.27 10.31 -3.57
CA HIS A 167 15.91 9.30 -4.40
C HIS A 167 15.84 7.88 -3.80
N PRO A 168 15.80 6.86 -4.68
CA PRO A 168 15.89 5.47 -4.25
C PRO A 168 17.21 5.15 -3.56
N TYR A 169 17.19 4.06 -2.79
CA TYR A 169 18.39 3.51 -2.20
C TYR A 169 19.29 2.99 -3.32
N ASN A 170 20.52 2.63 -2.97
CA ASN A 170 21.49 2.18 -3.96
C ASN A 170 21.47 0.66 -4.13
N PRO A 171 21.09 0.17 -5.35
CA PRO A 171 21.03 -1.26 -5.66
C PRO A 171 22.28 -2.06 -5.28
N LYS A 172 23.44 -1.40 -5.30
CA LYS A 172 24.68 -2.07 -4.91
C LYS A 172 24.70 -2.39 -3.42
N LEU A 173 23.80 -1.80 -2.65
CA LEU A 173 23.74 -2.07 -1.21
C LEU A 173 22.44 -2.77 -0.78
N LYS A 174 21.81 -3.48 -1.72
CA LYS A 174 20.59 -4.23 -1.41
C LYS A 174 20.89 -5.55 -0.69
N GLN A 175 22.05 -6.14 -1.01
CA GLN A 175 22.48 -7.42 -0.46
C GLN A 175 24.01 -7.57 -0.58
N PRO A 176 24.62 -8.44 0.25
CA PRO A 176 26.04 -8.80 0.02
C PRO A 176 26.19 -9.86 -1.08
N ASP A 177 27.41 -10.09 -1.58
CA ASP A 177 27.67 -11.19 -2.54
C ASP A 177 27.61 -12.55 -1.85
N ALA A 178 27.78 -13.63 -2.62
CA ALA A 178 27.68 -15.00 -2.10
C ALA A 178 28.65 -15.32 -0.97
N ASN A 179 29.92 -14.95 -1.16
CA ASN A 179 30.96 -15.24 -0.17
C ASN A 179 30.65 -14.54 1.16
N VAL A 180 30.18 -13.30 1.08
CA VAL A 180 29.78 -12.54 2.27
C VAL A 180 28.52 -13.14 2.89
N LYS A 181 27.55 -13.51 2.05
CA LYS A 181 26.35 -14.22 2.49
C LYS A 181 26.69 -15.48 3.30
N ALA A 182 27.60 -16.31 2.77
CA ALA A 182 28.03 -17.54 3.44
C ALA A 182 28.53 -17.31 4.86
N ALA A 183 29.37 -16.30 5.04
CA ALA A 183 29.92 -15.93 6.34
C ALA A 183 28.85 -15.42 7.29
N TRP A 184 27.85 -14.72 6.74
CA TRP A 184 26.78 -14.12 7.54
C TRP A 184 25.94 -15.20 8.24
N GLU A 185 25.49 -16.20 7.49
CA GLU A 185 24.53 -17.23 7.98
C GLU A 185 25.06 -18.07 9.14
N LYS A 186 26.38 -18.13 9.28
CA LYS A 186 27.04 -18.92 10.34
C LYS A 186 26.63 -18.52 11.75
N HIS A 187 26.29 -17.25 11.93
CA HIS A 187 25.89 -16.76 13.24
C HIS A 187 24.38 -16.74 13.31
N ALA A 188 23.81 -17.70 14.01
CA ALA A 188 22.36 -17.83 14.15
C ALA A 188 21.81 -16.73 15.03
N ASP A 189 22.69 -16.04 15.75
CA ASP A 189 22.29 -14.87 16.54
C ASP A 189 22.20 -13.61 15.68
N TRP A 190 22.92 -13.60 14.56
CA TRP A 190 22.99 -12.45 13.66
C TRP A 190 21.71 -12.25 12.86
N GLU A 191 21.14 -11.05 12.92
CA GLU A 191 19.96 -10.74 12.12
C GLU A 191 20.32 -10.91 10.65
N HIS A 192 19.40 -11.51 9.89
CA HIS A 192 19.64 -11.96 8.52
C HIS A 192 20.04 -10.83 7.56
N TRP A 193 20.90 -11.15 6.59
CA TRP A 193 21.44 -10.16 5.63
C TRP A 193 20.35 -9.49 4.82
N SER A 194 19.17 -10.10 4.79
CA SER A 194 17.99 -9.57 4.11
C SER A 194 17.59 -8.22 4.70
N ASN A 195 18.09 -7.93 5.90
CA ASN A 195 17.94 -6.62 6.52
C ASN A 195 18.57 -5.51 5.69
N MET A 196 19.45 -5.91 4.77
CA MET A 196 20.04 -4.96 3.85
C MET A 196 19.00 -4.46 2.86
N GLY A 197 18.00 -5.27 2.59
CA GLY A 197 17.00 -4.96 1.55
C GLY A 197 15.65 -4.49 2.07
N GLN A 198 15.49 -4.57 3.38
CA GLN A 198 14.28 -4.14 4.10
C GLN A 198 13.86 -2.68 3.88
N ASP A 199 12.54 -2.43 3.83
CA ASP A 199 11.97 -1.08 3.70
C ASP A 199 12.64 -0.30 2.56
N TRP A 200 12.80 -0.99 1.45
CA TRP A 200 13.50 -0.44 0.30
C TRP A 200 12.65 0.66 -0.29
N SER A 201 11.35 0.40 -0.40
CA SER A 201 10.39 1.32 -1.02
C SER A 201 8.98 0.90 -0.60
N LEU A 202 8.02 1.83 -0.71
CA LEU A 202 6.65 1.55 -0.30
C LEU A 202 5.67 2.05 -1.35
N ASN A 203 4.78 1.14 -1.76
CA ASN A 203 3.80 1.44 -2.77
C ASN A 203 2.67 2.20 -2.11
N THR A 204 2.18 3.22 -2.80
CA THR A 204 1.32 4.26 -2.24
C THR A 204 0.41 4.73 -3.41
N PRO A 205 -0.83 5.15 -3.11
CA PRO A 205 -1.71 5.70 -4.16
C PRO A 205 -1.11 6.85 -4.98
N SER A 206 -0.25 7.66 -4.38
CA SER A 206 0.28 8.81 -5.12
C SER A 206 1.69 8.58 -5.69
N GLY A 207 2.17 7.34 -5.59
CA GLY A 207 3.45 6.94 -6.17
C GLY A 207 4.28 6.01 -5.31
N LEU A 208 5.38 5.53 -5.87
CA LEU A 208 6.28 4.66 -5.15
C LEU A 208 7.15 5.54 -4.28
N VAL A 209 7.19 5.25 -2.98
CA VAL A 209 7.94 6.06 -2.03
C VAL A 209 9.25 5.34 -1.71
N PRO A 210 10.39 5.98 -2.03
CA PRO A 210 11.69 5.39 -1.70
C PRO A 210 12.06 5.59 -0.24
N ARG A 211 12.90 4.71 0.27
CA ARG A 211 13.45 4.84 1.63
C ARG A 211 12.36 5.21 2.62
N PRO A 212 11.21 4.47 2.59
CA PRO A 212 10.06 4.87 3.38
C PRO A 212 10.35 4.94 4.89
N ASN A 213 11.37 4.26 5.36
CA ASN A 213 11.70 4.30 6.78
C ASN A 213 12.73 5.39 7.15
N HIS A 214 13.27 6.07 6.13
CA HIS A 214 14.20 7.18 6.34
C HIS A 214 14.07 8.25 5.27
N GLY A 215 12.85 8.74 5.06
CA GLY A 215 12.54 9.68 3.97
C GLY A 215 12.19 11.01 4.59
N ILE A 216 11.44 11.83 3.85
CA ILE A 216 11.13 13.17 4.28
C ILE A 216 10.21 13.23 5.52
N ALA A 217 9.27 12.29 5.63
CA ALA A 217 8.39 12.25 6.80
C ALA A 217 9.18 12.12 8.10
N HIS A 218 10.00 11.09 8.16
CA HIS A 218 10.90 10.87 9.30
C HIS A 218 11.78 12.09 9.60
N THR A 219 12.39 12.62 8.55
CA THR A 219 13.34 13.72 8.65
C THR A 219 12.68 14.93 9.29
N LEU A 220 11.51 15.31 8.79
CA LEU A 220 10.78 16.46 9.31
C LEU A 220 10.27 16.21 10.72
N ARG A 221 9.77 15.01 10.98
CA ARG A 221 9.33 14.64 12.33
C ARG A 221 10.42 14.78 13.38
N VAL A 222 11.61 14.22 13.11
CA VAL A 222 12.69 14.33 14.09
C VAL A 222 13.11 15.78 14.31
N ALA A 223 13.05 16.58 13.25
CA ALA A 223 13.34 18.00 13.32
C ALA A 223 12.27 18.71 14.15
N GLN A 224 11.00 18.41 13.87
CA GLN A 224 9.84 18.89 14.62
C GLN A 224 9.94 18.69 16.12
N LEU A 225 10.44 17.50 16.51
CA LEU A 225 10.41 17.06 17.89
C LEU A 225 11.43 17.82 18.75
N VAL A 226 12.57 18.15 18.13
CA VAL A 226 13.69 18.83 18.80
C VAL A 226 13.27 19.97 19.76
N PRO A 227 12.50 20.95 19.25
CA PRO A 227 12.18 22.04 20.18
C PRO A 227 11.30 21.63 21.35
N VAL A 228 10.43 20.65 21.13
CA VAL A 228 9.55 20.20 22.18
C VAL A 228 10.34 19.37 23.21
N ILE A 229 11.23 18.50 22.72
CA ILE A 229 12.11 17.75 23.61
C ILE A 229 12.90 18.71 24.49
N ALA A 230 13.48 19.74 23.87
CA ALA A 230 14.23 20.77 24.58
C ALA A 230 13.42 21.38 25.70
N GLU A 231 12.17 21.75 25.43
CA GLU A 231 11.27 22.30 26.44
C GLU A 231 11.07 21.32 27.61
N PHE A 232 10.93 20.04 27.27
CA PHE A 232 10.70 19.02 28.29
C PHE A 232 11.95 18.78 29.14
N LEU A 233 13.11 18.84 28.49
CA LEU A 233 14.38 18.72 29.20
C LEU A 233 14.60 19.88 30.17
N LYS A 234 14.20 21.09 29.76
CA LYS A 234 14.34 22.26 30.64
C LYS A 234 13.46 22.15 31.87
N ALA A 235 12.27 21.60 31.68
CA ALA A 235 11.30 21.49 32.75
C ALA A 235 11.58 20.34 33.71
N TYR A 236 11.95 19.17 33.19
CA TYR A 236 11.99 17.96 34.03
C TYR A 236 13.33 17.32 34.29
N SER A 237 14.36 17.71 33.55
CA SER A 237 15.65 17.03 33.67
C SER A 237 16.32 17.23 35.03
N GLY A 238 16.17 18.43 35.60
CA GLY A 238 16.89 18.76 36.84
C GLY A 238 18.38 18.80 36.54
N ASP A 239 18.70 19.03 35.27
CA ASP A 239 20.06 19.11 34.78
C ASP A 239 20.30 20.50 34.16
N PRO A 240 21.17 21.29 34.80
CA PRO A 240 21.60 22.63 34.39
C PRO A 240 22.04 22.74 32.93
N LYS A 241 22.69 21.70 32.40
CA LYS A 241 23.08 21.69 31.00
C LYS A 241 21.94 22.06 30.07
N PHE A 242 20.75 21.55 30.36
CA PHE A 242 19.61 21.78 29.50
C PHE A 242 18.96 23.15 29.69
N GLN A 243 19.18 23.78 30.85
CA GLN A 243 18.78 25.18 31.03
C GLN A 243 19.74 26.13 30.29
N LYS A 244 20.85 25.57 29.80
CA LYS A 244 21.84 26.25 28.96
C LYS A 244 21.40 26.16 27.48
N LEU A 245 20.17 25.72 27.25
CA LEU A 245 19.70 25.40 25.91
C LEU A 245 18.88 26.55 25.32
N THR A 246 19.59 27.50 24.72
CA THR A 246 18.97 28.65 24.09
C THR A 246 18.27 28.29 22.77
N GLN A 247 17.47 29.21 22.26
CA GLN A 247 16.72 28.96 21.04
C GLN A 247 17.65 28.70 19.88
N LYS A 248 18.71 29.49 19.78
CA LYS A 248 19.67 29.39 18.71
C LYS A 248 20.32 27.99 18.69
N GLU A 249 20.60 27.45 19.87
CA GLU A 249 21.19 26.11 19.94
C GLU A 249 20.12 25.07 19.57
N ILE A 250 18.88 25.32 19.97
CA ILE A 250 17.75 24.49 19.57
C ILE A 250 17.53 24.54 18.04
N GLN A 251 17.67 25.73 17.46
CA GLN A 251 17.50 25.92 16.03
C GLN A 251 18.59 25.19 15.24
N LYS A 252 19.84 25.32 15.69
CA LYS A 252 20.94 24.60 15.08
C LYS A 252 20.70 23.10 15.12
N ALA A 253 20.16 22.61 16.23
CA ALA A 253 19.93 21.17 16.36
C ALA A 253 18.87 20.73 15.38
N GLN A 254 17.81 21.53 15.29
CA GLN A 254 16.68 21.28 14.40
C GLN A 254 17.16 21.26 12.95
N TYR A 255 17.93 22.28 12.57
CA TYR A 255 18.52 22.41 11.25
C TYR A 255 19.39 21.20 10.89
N MET A 256 20.19 20.75 11.84
CA MET A 256 21.13 19.66 11.64
C MET A 256 20.42 18.32 11.48
N MET A 257 19.32 18.14 12.20
CA MET A 257 18.47 16.95 12.07
C MET A 257 18.01 16.73 10.63
N LEU A 258 17.80 17.83 9.90
CA LEU A 258 17.44 17.77 8.48
C LEU A 258 18.46 17.02 7.67
N PHE A 259 19.72 17.08 8.10
CA PHE A 259 20.83 16.39 7.40
C PHE A 259 21.16 15.04 8.00
N SER A 260 20.36 14.63 8.98
CA SER A 260 20.64 13.45 9.79
C SER A 260 20.52 12.09 9.09
N VAL A 261 19.69 11.95 8.05
CA VAL A 261 19.58 10.64 7.33
C VAL A 261 19.91 10.63 5.83
N ILE A 262 20.45 11.75 5.31
CA ILE A 262 20.65 11.91 3.85
C ILE A 262 21.76 11.03 3.26
N GLY A 263 22.65 10.54 4.11
CA GLY A 263 23.78 9.74 3.64
C GLY A 263 23.40 8.29 3.37
N ARG A 264 22.25 7.87 3.90
CA ARG A 264 21.77 6.49 3.76
C ARG A 264 21.66 5.95 2.34
N GLU A 265 22.22 4.77 2.10
CA GLU A 265 22.09 4.11 0.79
C GLU A 265 21.31 2.78 0.85
N ASN A 266 20.94 2.39 2.06
CA ASN A 266 19.99 1.32 2.31
C ASN A 266 19.39 1.56 3.68
N ASP A 267 18.53 0.65 4.14
CA ASP A 267 17.86 0.83 5.42
C ASP A 267 18.48 -0.03 6.51
N MET A 268 19.73 -0.45 6.34
CA MET A 268 20.37 -1.35 7.32
C MET A 268 20.75 -0.61 8.59
N SER A 269 20.70 -1.32 9.71
CA SER A 269 21.05 -0.72 11.00
C SER A 269 22.56 -0.69 11.18
N TRP A 270 23.01 0.02 12.21
CA TRP A 270 24.42 0.06 12.59
C TRP A 270 24.95 -1.34 12.87
N THR A 271 24.10 -2.18 13.46
CA THR A 271 24.44 -3.56 13.77
C THR A 271 24.62 -4.38 12.51
N ASP A 272 23.70 -4.24 11.56
CA ASP A 272 23.82 -4.90 10.26
C ASP A 272 25.15 -4.54 9.62
N ALA A 273 25.58 -3.29 9.78
CA ALA A 273 26.81 -2.81 9.16
C ALA A 273 28.04 -3.40 9.85
N ASN A 274 27.98 -3.49 11.17
CA ASN A 274 29.01 -4.18 11.94
C ASN A 274 29.16 -5.59 11.45
N HIS A 275 28.03 -6.28 11.31
CA HIS A 275 27.98 -7.66 10.82
C HIS A 275 28.53 -7.79 9.41
N TYR A 276 28.13 -6.88 8.52
CA TYR A 276 28.60 -6.93 7.13
C TYR A 276 30.11 -6.90 7.03
N GLN A 277 30.71 -5.98 7.79
CA GLN A 277 32.15 -5.77 7.80
C GLN A 277 32.85 -6.98 8.44
N GLN A 278 32.30 -7.46 9.55
CA GLN A 278 32.87 -8.64 10.21
C GLN A 278 32.79 -9.87 9.29
N ALA A 279 31.86 -9.86 8.34
CA ALA A 279 31.61 -10.99 7.44
C ALA A 279 32.33 -10.82 6.09
N PHE A 280 32.57 -9.57 5.71
CA PHE A 280 33.46 -9.30 4.58
C PHE A 280 34.86 -9.76 5.00
N LYS A 281 35.10 -9.71 6.31
CA LYS A 281 36.34 -10.16 6.93
C LYS A 281 36.37 -11.68 7.05
N GLU A 282 35.42 -12.21 7.83
CA GLU A 282 35.19 -13.66 8.01
C GLU A 282 35.23 -14.48 6.72
N ALA A 283 34.84 -13.83 5.61
CA ALA A 283 34.78 -14.49 4.30
C ALA A 283 36.12 -14.49 3.56
N TYR A 284 36.87 -13.38 3.64
CA TYR A 284 38.11 -13.24 2.85
C TYR A 284 39.42 -13.11 3.62
N ASN A 285 39.59 -13.96 4.63
CA ASN A 285 40.76 -13.98 5.52
C ASN A 285 41.24 -12.62 6.04
N GLY A 286 40.34 -11.91 6.71
CA GLY A 286 40.70 -10.69 7.42
C GLY A 286 40.82 -9.40 6.63
N GLN A 287 40.54 -9.44 5.31
CA GLN A 287 40.63 -8.26 4.45
C GLN A 287 39.64 -7.16 4.85
N TYR A 288 40.12 -5.92 4.89
CA TYR A 288 39.33 -4.78 5.35
C TYR A 288 38.42 -4.20 4.26
N SER A 289 37.22 -3.79 4.67
CA SER A 289 36.34 -2.98 3.84
C SER A 289 35.79 -1.84 4.68
N LYS A 290 35.50 -0.73 4.01
CA LYS A 290 35.03 0.49 4.66
C LYS A 290 33.69 0.24 5.39
N HIS A 291 33.60 0.67 6.64
CA HIS A 291 32.36 0.59 7.40
C HIS A 291 31.29 1.32 6.62
N ILE A 292 30.19 0.64 6.34
CA ILE A 292 29.08 1.22 5.54
C ILE A 292 28.54 2.51 6.19
N TYR A 293 28.44 2.52 7.51
CA TYR A 293 27.94 3.70 8.23
C TYR A 293 28.85 4.91 8.15
N ALA A 294 30.16 4.67 8.10
CA ALA A 294 31.13 5.72 7.81
C ALA A 294 30.85 6.35 6.46
N THR A 295 30.55 5.52 5.43
CA THR A 295 30.17 6.02 4.09
C THR A 295 28.89 6.85 4.14
N PHE A 296 27.90 6.38 4.89
CA PHE A 296 26.66 7.14 5.11
C PHE A 296 26.93 8.50 5.75
N LYS A 297 27.70 8.49 6.84
CA LYS A 297 28.17 9.70 7.51
C LYS A 297 28.91 10.67 6.59
N GLU A 298 29.87 10.16 5.81
CA GLU A 298 30.66 10.99 4.88
C GLU A 298 29.78 11.62 3.82
N ASN A 299 28.80 10.86 3.35
CA ASN A 299 27.83 11.32 2.37
C ASN A 299 27.00 12.41 2.95
N ALA A 300 26.59 12.24 4.21
CA ALA A 300 25.72 13.24 4.85
C ALA A 300 26.52 14.51 5.05
N GLN A 301 27.74 14.34 5.53
CA GLN A 301 28.68 15.46 5.65
C GLN A 301 28.89 16.22 4.33
N LYS A 302 29.15 15.49 3.25
CA LYS A 302 29.34 16.08 1.90
C LYS A 302 28.12 16.94 1.52
N GLY A 303 26.93 16.36 1.68
CA GLY A 303 25.69 17.08 1.42
C GLY A 303 25.62 18.39 2.17
N PHE A 304 25.90 18.33 3.47
CA PHE A 304 25.90 19.51 4.32
C PHE A 304 26.88 20.62 3.87
N LEU A 305 28.13 20.22 3.61
CA LEU A 305 29.16 21.16 3.12
C LEU A 305 28.77 21.79 1.81
N ASN A 306 28.19 20.97 0.94
CA ASN A 306 27.70 21.43 -0.35
C ASN A 306 26.63 22.49 -0.21
N HIS A 307 25.78 22.35 0.82
CA HIS A 307 24.67 23.27 1.00
C HIS A 307 25.14 24.57 1.65
N VAL A 308 25.95 24.47 2.69
CA VAL A 308 26.36 25.66 3.44
C VAL A 308 27.30 26.59 2.65
N VAL A 309 28.03 26.01 1.69
CA VAL A 309 29.05 26.74 0.94
C VAL A 309 28.48 27.99 0.25
N THR A 310 27.24 27.89 -0.22
CA THR A 310 26.60 28.96 -0.96
C THR A 310 25.60 29.74 -0.09
N ASN A 311 25.42 29.34 1.16
CA ASN A 311 24.37 29.94 1.99
C ASN A 311 24.91 30.60 3.24
N LYS A 312 26.22 30.83 3.26
CA LYS A 312 26.92 31.34 4.44
C LYS A 312 26.38 32.69 4.91
N SER A 313 26.17 33.60 3.97
CA SER A 313 25.65 34.90 4.36
C SER A 313 24.27 34.78 4.98
N SER A 314 23.50 33.77 4.57
CA SER A 314 22.17 33.50 5.15
C SER A 314 22.23 32.83 6.52
N LEU A 315 23.20 31.95 6.69
CA LEU A 315 23.30 31.12 7.90
C LEU A 315 24.13 31.76 9.02
N ILE A 316 25.07 32.63 8.63
CA ILE A 316 25.97 33.33 9.56
C ILE A 316 25.73 34.83 9.42
N PRO A 317 25.51 35.55 10.55
CA PRO A 317 25.56 35.07 11.94
C PRO A 317 24.21 34.61 12.51
N SER A 318 23.16 34.62 11.70
CA SER A 318 21.79 34.37 12.18
C SER A 318 21.58 33.00 12.82
N LEU A 319 22.11 31.96 12.21
CA LEU A 319 21.93 30.60 12.74
C LEU A 319 23.23 30.08 13.35
N PHE A 320 24.30 30.12 12.57
CA PHE A 320 25.63 29.78 13.07
C PHE A 320 26.39 31.08 13.33
N SER A 321 26.88 31.23 14.55
CA SER A 321 27.54 32.46 14.99
C SER A 321 28.70 32.90 14.09
N ASP A 322 29.45 31.92 13.60
CA ASP A 322 30.60 32.15 12.72
C ASP A 322 31.00 30.85 12.01
N GLU A 323 32.00 30.94 11.14
CA GLU A 323 32.46 29.79 10.37
C GLU A 323 33.01 28.61 11.19
N SER A 324 33.61 28.88 12.34
CA SER A 324 34.18 27.79 13.16
C SER A 324 33.07 27.02 13.89
N GLU A 325 31.94 27.68 14.16
CA GLU A 325 30.79 27.00 14.72
C GLU A 325 30.17 26.09 13.68
N LEU A 326 30.08 26.60 12.46
CA LEU A 326 29.67 25.79 11.30
C LEU A 326 30.60 24.61 11.11
N GLN A 327 31.89 24.83 11.34
CA GLN A 327 32.89 23.77 11.23
C GLN A 327 32.65 22.63 12.22
N TYR A 328 32.35 23.00 13.47
CA TYR A 328 32.12 22.00 14.50
C TYR A 328 30.93 21.09 14.12
N TRP A 329 29.85 21.69 13.63
CA TRP A 329 28.68 20.91 13.26
C TRP A 329 28.88 20.05 12.01
N ALA A 330 29.63 20.56 11.03
CA ALA A 330 29.98 19.76 9.86
C ALA A 330 30.81 18.52 10.28
N GLU A 331 31.70 18.72 11.25
CA GLU A 331 32.54 17.66 11.82
C GLU A 331 31.74 16.66 12.62
N ALA A 332 30.83 17.17 13.44
CA ALA A 332 29.98 16.35 14.29
C ALA A 332 29.13 15.37 13.47
N LEU A 333 28.94 15.69 12.19
CA LEU A 333 28.17 14.82 11.29
C LEU A 333 28.87 13.51 10.93
N ASP A 334 30.19 13.48 11.01
CA ASP A 334 30.94 12.22 10.79
C ASP A 334 31.23 11.68 12.19
N THR A 335 32.27 12.21 12.81
CA THR A 335 32.53 12.05 14.25
C THR A 335 34.02 12.04 14.59
N SER A 341 27.01 13.90 23.05
CA SER A 341 27.53 14.05 24.41
C SER A 341 27.49 15.51 24.93
N SER A 342 26.91 16.40 24.15
CA SER A 342 26.61 17.76 24.57
C SER A 342 25.09 17.92 24.63
N ALA A 343 24.62 19.08 25.08
CA ALA A 343 23.18 19.32 25.18
C ALA A 343 22.53 19.12 23.83
N SER A 344 23.17 19.68 22.81
CA SER A 344 22.70 19.55 21.44
C SER A 344 22.64 18.10 20.95
N GLY A 345 23.66 17.32 21.27
CA GLY A 345 23.74 15.93 20.83
C GLY A 345 22.67 15.07 21.48
N ILE A 346 22.54 15.22 22.80
CA ILE A 346 21.53 14.48 23.55
C ILE A 346 20.14 14.86 23.03
N LEU A 347 19.94 16.15 22.77
CA LEU A 347 18.71 16.67 22.18
C LEU A 347 18.37 15.97 20.85
N MET A 348 19.37 15.86 19.99
CA MET A 348 19.21 15.28 18.67
C MET A 348 19.06 13.76 18.73
N ALA A 349 19.79 13.15 19.67
CA ALA A 349 19.71 11.72 19.88
C ALA A 349 18.31 11.32 20.37
N LEU A 350 17.71 12.14 21.22
CA LEU A 350 16.39 11.87 21.76
C LEU A 350 15.29 11.99 20.69
N ALA A 351 15.51 12.87 19.72
CA ALA A 351 14.57 12.98 18.59
C ALA A 351 14.61 11.71 17.74
N HIS A 352 15.81 11.29 17.37
CA HIS A 352 16.05 9.99 16.75
C HIS A 352 15.39 8.87 17.57
N ASP A 353 15.69 8.83 18.87
CA ASP A 353 15.14 7.81 19.76
C ASP A 353 13.61 7.73 19.70
N LEU A 354 12.95 8.87 19.87
CA LEU A 354 11.48 8.90 19.92
C LEU A 354 10.82 8.41 18.63
N ASP A 355 11.39 8.78 17.49
CA ASP A 355 10.80 8.44 16.20
C ASP A 355 10.93 6.96 15.82
N LEU A 356 11.86 6.26 16.48
CA LEU A 356 12.01 4.81 16.29
C LEU A 356 10.77 3.97 16.61
N MET A 357 9.80 4.56 17.29
CA MET A 357 8.51 3.92 17.53
C MET A 357 7.83 3.55 16.23
N ARG A 358 8.20 4.24 15.14
CA ARG A 358 7.72 3.89 13.80
C ARG A 358 8.18 2.49 13.34
N CYS A 359 9.34 2.02 13.79
CA CYS A 359 9.87 0.73 13.28
C CYS A 359 10.37 -0.28 14.35
N TYR A 360 10.17 0.03 15.63
CA TYR A 360 10.51 -0.89 16.72
C TYR A 360 9.20 -1.39 17.33
N ASP A 361 9.13 -2.67 17.70
CA ASP A 361 7.93 -3.16 18.38
C ASP A 361 7.88 -2.59 19.80
N LYS A 362 6.78 -2.80 20.51
CA LYS A 362 6.60 -2.15 21.82
C LYS A 362 7.69 -2.51 22.82
N GLY A 363 8.00 -3.80 22.93
CA GLY A 363 9.01 -4.30 23.86
C GLY A 363 10.36 -3.71 23.56
N LYS A 364 10.76 -3.78 22.30
CA LYS A 364 12.02 -3.22 21.85
C LYS A 364 12.08 -1.69 22.03
N PHE A 365 11.02 -0.99 21.62
CA PHE A 365 10.99 0.46 21.80
C PHE A 365 11.02 0.86 23.27
N ASN A 366 10.19 0.24 24.09
CA ASN A 366 10.11 0.65 25.49
C ASN A 366 11.42 0.35 26.26
N SER A 367 12.09 -0.73 25.90
CA SER A 367 13.35 -1.11 26.56
C SER A 367 14.57 -0.35 26.03
N LEU A 368 14.70 -0.32 24.71
CA LEU A 368 15.87 0.31 24.10
C LEU A 368 15.83 1.83 24.11
N LYS A 369 14.64 2.39 24.10
CA LYS A 369 14.50 3.83 23.86
C LYS A 369 13.82 4.61 24.96
N MET A 370 12.66 4.14 25.41
CA MET A 370 11.94 4.88 26.46
C MET A 370 12.67 5.00 27.80
N LYS A 371 13.43 3.97 28.20
CA LYS A 371 14.17 4.02 29.47
C LYS A 371 15.16 5.17 29.46
N ASP A 372 15.86 5.31 28.33
CA ASP A 372 16.85 6.37 28.14
C ASP A 372 16.23 7.76 28.18
N LEU A 373 15.01 7.89 27.66
CA LEU A 373 14.28 9.16 27.71
C LEU A 373 13.83 9.42 29.14
N VAL A 374 13.27 8.41 29.79
CA VAL A 374 12.83 8.52 31.18
C VAL A 374 13.97 8.99 32.09
N ALA A 375 15.14 8.38 31.96
CA ALA A 375 16.33 8.80 32.69
C ALA A 375 16.69 10.26 32.39
N ARG A 376 16.65 10.64 31.12
CA ARG A 376 16.97 12.00 30.69
C ARG A 376 16.08 13.05 31.32
N LEU A 377 14.85 12.66 31.63
CA LEU A 377 13.85 13.57 32.20
C LEU A 377 13.71 13.39 33.72
N GLY A 378 14.81 13.03 34.38
CA GLY A 378 14.85 12.95 35.85
C GLY A 378 14.00 11.86 36.45
N GLY A 379 13.83 10.76 35.73
CA GLY A 379 13.00 9.64 36.17
C GLY A 379 11.51 9.90 36.08
N ASN A 380 11.15 11.01 35.41
CA ASN A 380 9.75 11.36 35.22
C ASN A 380 9.15 10.59 34.04
N GLU A 381 8.57 9.43 34.38
CA GLU A 381 7.95 8.56 33.39
C GLU A 381 6.79 9.23 32.67
N ASP A 382 6.04 10.06 33.40
CA ASP A 382 4.81 10.65 32.87
C ASP A 382 5.10 11.71 31.83
N ALA A 383 6.15 12.50 32.08
CA ALA A 383 6.59 13.54 31.15
C ALA A 383 7.10 12.90 29.88
N ALA A 384 7.82 11.78 30.04
CA ALA A 384 8.32 11.00 28.92
C ALA A 384 7.18 10.50 28.06
N LYS A 385 6.11 10.05 28.71
CA LYS A 385 4.93 9.51 28.02
C LYS A 385 4.23 10.57 27.18
N LYS A 386 4.09 11.77 27.72
CA LYS A 386 3.52 12.88 26.98
C LYS A 386 4.37 13.18 25.74
N LEU A 387 5.68 13.22 25.93
CA LEU A 387 6.61 13.44 24.83
C LEU A 387 6.45 12.36 23.76
N ALA A 388 6.30 11.11 24.20
CA ALA A 388 6.05 10.00 23.29
C ALA A 388 4.68 10.09 22.58
N ASP A 389 3.68 10.62 23.28
CA ASP A 389 2.34 10.82 22.68
C ASP A 389 2.40 11.77 21.51
N TYR A 390 3.19 12.84 21.65
CA TYR A 390 3.32 13.86 20.60
C TYR A 390 4.04 13.25 19.41
N ALA A 391 5.11 12.48 19.66
CA ALA A 391 5.85 11.79 18.60
C ALA A 391 4.94 10.82 17.86
N HIS A 392 4.12 10.09 18.63
CA HIS A 392 3.09 9.21 18.06
C HIS A 392 2.15 9.96 17.11
N ASP A 393 1.63 11.08 17.59
CA ASP A 393 0.68 11.91 16.86
C ASP A 393 1.29 12.48 15.58
N LEU A 394 2.58 12.80 15.60
CA LEU A 394 3.27 13.30 14.40
C LEU A 394 3.35 12.21 13.34
N ILE A 395 3.64 11.00 13.81
CA ILE A 395 3.70 9.81 12.98
C ILE A 395 2.33 9.52 12.35
N VAL A 396 1.29 9.54 13.18
CA VAL A 396 -0.08 9.33 12.71
C VAL A 396 -0.49 10.46 11.75
N ALA A 397 -0.03 11.68 12.04
CA ALA A 397 -0.38 12.83 11.19
C ALA A 397 0.22 12.70 9.79
N THR A 398 1.28 11.91 9.66
CA THR A 398 1.95 11.76 8.38
C THR A 398 1.59 10.42 7.74
N GLY A 399 0.68 9.67 8.36
CA GLY A 399 0.21 8.37 7.84
C GLY A 399 1.26 7.25 7.93
N ASP A 400 2.31 7.51 8.69
CA ASP A 400 3.38 6.52 8.88
C ASP A 400 2.87 5.38 9.75
N ARG A 401 3.56 4.24 9.69
CA ARG A 401 3.31 3.17 10.64
C ARG A 401 3.91 3.52 11.99
N CYS A 402 3.32 2.98 13.03
CA CYS A 402 3.80 3.17 14.39
C CYS A 402 3.67 1.81 15.02
N MET A 403 4.79 1.30 15.47
CA MET A 403 4.87 -0.08 15.92
C MET A 403 5.22 -0.19 17.38
N GLY A 404 5.82 0.87 17.93
CA GLY A 404 6.43 0.80 19.25
C GLY A 404 5.77 1.52 20.40
N TYR A 405 4.73 2.30 20.13
CA TYR A 405 4.10 3.09 21.18
C TYR A 405 2.63 3.46 20.85
N GLY A 406 1.80 3.56 21.89
CA GLY A 406 0.42 4.06 21.79
C GLY A 406 -0.50 3.20 20.93
N VAL A 407 -1.50 3.83 20.33
CA VAL A 407 -2.33 3.17 19.33
C VAL A 407 -1.48 2.90 18.09
N THR A 408 -1.00 1.66 18.00
CA THR A 408 -0.21 1.23 16.86
C THR A 408 -1.02 1.20 15.55
N GLN A 409 -0.31 1.31 14.44
CA GLN A 409 -0.95 1.26 13.13
C GLN A 409 0.02 0.86 12.02
N ASP A 410 -0.54 0.30 10.96
CA ASP A 410 0.18 0.10 9.71
C ASP A 410 0.16 1.44 8.98
N TYR A 411 0.81 1.49 7.82
CA TYR A 411 0.81 2.66 6.97
C TYR A 411 -0.62 3.07 6.60
N ASN A 412 -0.93 4.36 6.73
CA ASN A 412 -2.08 4.91 6.01
C ASN A 412 -1.53 5.32 4.64
N TYR A 413 -1.74 4.46 3.66
CA TYR A 413 -1.02 4.55 2.38
C TYR A 413 -1.29 5.87 1.67
N SER A 414 -2.57 6.23 1.66
CA SER A 414 -3.05 7.46 1.07
C SER A 414 -2.36 8.67 1.72
N LEU A 415 -2.40 8.72 3.05
CA LEU A 415 -1.82 9.84 3.77
C LEU A 415 -0.29 9.88 3.71
N PHE A 416 0.35 8.73 3.85
CA PHE A 416 1.82 8.65 3.85
C PHE A 416 2.41 8.93 2.45
N GLY A 417 1.74 8.48 1.39
CA GLY A 417 2.17 8.81 0.04
C GLY A 417 2.16 10.31 -0.23
N LYS A 418 1.10 10.98 0.23
CA LYS A 418 0.98 12.44 0.17
C LYS A 418 2.07 13.19 0.95
N CYS A 419 2.34 12.79 2.20
CA CYS A 419 3.32 13.49 3.01
C CYS A 419 4.73 13.18 2.54
N SER A 420 4.95 11.94 2.14
CA SER A 420 6.29 11.48 1.79
C SER A 420 6.73 11.98 0.43
N LEU A 421 5.78 12.38 -0.41
CA LEU A 421 6.09 12.80 -1.78
C LEU A 421 5.93 14.32 -1.97
N ASP A 422 5.49 14.99 -0.91
CA ASP A 422 5.36 16.44 -0.89
C ASP A 422 5.74 16.97 0.49
N PRO A 423 6.99 17.45 0.65
CA PRO A 423 7.49 17.99 1.93
C PRO A 423 6.55 19.03 2.51
N ASN A 424 5.95 19.84 1.64
CA ASN A 424 5.03 20.87 2.07
C ASN A 424 3.75 20.33 2.69
N GLU A 425 3.17 19.28 2.09
CA GLU A 425 2.04 18.59 2.72
C GLU A 425 2.47 18.02 4.07
N CYS A 426 3.66 17.44 4.12
CA CYS A 426 4.17 16.84 5.34
C CYS A 426 4.22 17.85 6.48
N LEU A 427 4.78 19.03 6.21
CA LEU A 427 4.86 20.11 7.21
C LEU A 427 3.50 20.54 7.73
N LYS A 428 2.58 20.79 6.80
CA LYS A 428 1.20 21.16 7.12
C LYS A 428 0.60 20.21 8.13
N GLN A 429 0.64 18.91 7.83
CA GLN A 429 0.13 17.86 8.72
C GLN A 429 0.82 17.87 10.10
N LEU A 430 2.16 17.97 10.12
CA LEU A 430 2.92 18.07 11.37
C LEU A 430 2.53 19.26 12.23
N GLN A 431 2.30 20.39 11.56
CA GLN A 431 1.88 21.61 12.22
C GLN A 431 0.48 21.46 12.80
N SER A 432 -0.32 20.55 12.26
CA SER A 432 -1.68 20.36 12.74
C SER A 432 -1.75 19.76 14.16
N ILE A 433 -0.62 19.27 14.67
CA ILE A 433 -0.59 18.66 15.98
C ILE A 433 -0.19 19.66 17.06
N PRO A 434 -1.09 19.87 18.05
CA PRO A 434 -0.80 20.75 19.17
C PRO A 434 0.42 20.27 19.93
N LYS A 435 1.30 21.19 20.27
CA LYS A 435 2.48 20.83 21.02
C LYS A 435 2.12 20.67 22.49
N PRO A 436 2.70 19.66 23.16
CA PRO A 436 2.36 19.47 24.57
C PRO A 436 2.92 20.58 25.46
N GLU A 437 2.19 20.91 26.51
CA GLU A 437 2.59 21.98 27.42
C GLU A 437 3.45 21.42 28.53
N THR A 438 4.39 22.23 29.02
CA THR A 438 5.37 21.75 29.97
C THR A 438 4.92 21.90 31.43
N ASP B 146 -1.74 -24.00 -13.15
CA ASP B 146 -2.45 -22.70 -13.00
C ASP B 146 -1.86 -21.88 -11.86
N TYR B 147 -1.76 -20.56 -12.06
CA TYR B 147 -1.17 -19.66 -11.06
C TYR B 147 -2.02 -19.50 -9.80
N LEU B 148 -3.32 -19.80 -9.92
CA LEU B 148 -4.22 -19.82 -8.77
C LEU B 148 -3.81 -20.89 -7.76
N LEU B 149 -2.97 -21.82 -8.22
CA LEU B 149 -2.45 -22.89 -7.37
C LEU B 149 -1.03 -22.62 -6.91
N SER B 150 -0.40 -21.56 -7.44
CA SER B 150 0.95 -21.18 -7.02
C SER B 150 0.96 -20.68 -5.58
N ALA B 151 2.16 -20.57 -5.01
CA ALA B 151 2.34 -20.09 -3.65
C ALA B 151 1.78 -18.68 -3.50
N ASN B 152 2.22 -17.79 -4.39
CA ASN B 152 1.67 -16.43 -4.43
C ASN B 152 0.15 -16.41 -4.71
N GLY B 153 -0.31 -17.28 -5.60
CA GLY B 153 -1.73 -17.31 -5.97
C GLY B 153 -2.64 -17.62 -4.80
N SER B 154 -2.38 -18.75 -4.14
CA SER B 154 -3.20 -19.20 -3.03
C SER B 154 -3.20 -18.22 -1.85
N LYS B 155 -2.03 -17.61 -1.59
CA LYS B 155 -1.92 -16.59 -0.55
C LYS B 155 -2.80 -15.37 -0.84
N ALA B 156 -2.80 -14.93 -2.10
CA ALA B 156 -3.69 -13.84 -2.52
C ALA B 156 -5.15 -14.23 -2.38
N ILE B 157 -5.51 -15.44 -2.81
CA ILE B 157 -6.89 -15.94 -2.67
C ILE B 157 -7.33 -15.92 -1.21
N ASP B 158 -6.52 -16.50 -0.32
CA ASP B 158 -6.82 -16.54 1.11
C ASP B 158 -6.99 -15.12 1.60
N PHE B 159 -6.09 -14.25 1.16
CA PHE B 159 -6.10 -12.85 1.61
C PHE B 159 -7.38 -12.13 1.21
N VAL B 160 -7.73 -12.15 -0.07
CA VAL B 160 -8.94 -11.45 -0.52
C VAL B 160 -10.21 -12.08 0.07
N TRP B 161 -10.18 -13.39 0.30
CA TRP B 161 -11.33 -14.11 0.82
C TRP B 161 -11.60 -13.69 2.26
N SER B 162 -10.57 -13.80 3.11
CA SER B 162 -10.70 -13.53 4.54
CA SER B 162 -10.71 -13.52 4.54
C SER B 162 -10.96 -12.05 4.83
N ASN B 163 -10.19 -11.19 4.15
CA ASN B 163 -10.23 -9.76 4.38
C ASN B 163 -11.35 -9.00 3.71
N PHE B 164 -11.95 -9.60 2.67
CA PHE B 164 -12.96 -8.86 1.91
C PHE B 164 -14.18 -9.69 1.52
N LEU B 165 -13.94 -10.74 0.75
CA LEU B 165 -15.01 -11.43 0.04
C LEU B 165 -16.01 -12.20 0.91
N LYS B 166 -15.57 -12.69 2.07
CA LYS B 166 -16.47 -13.46 2.94
C LYS B 166 -17.37 -12.52 3.78
N HIS B 167 -17.17 -11.21 3.65
CA HIS B 167 -17.89 -10.27 4.50
C HIS B 167 -19.15 -9.76 3.84
N PRO B 168 -20.18 -9.43 4.66
CA PRO B 168 -21.42 -8.84 4.18
C PRO B 168 -21.18 -7.48 3.55
N TYR B 169 -22.04 -7.08 2.63
CA TYR B 169 -22.05 -5.72 2.14
C TYR B 169 -22.34 -4.74 3.30
N ASN B 170 -22.14 -3.46 3.04
CA ASN B 170 -22.29 -2.41 4.03
C ASN B 170 -23.71 -1.88 4.07
N PRO B 171 -24.40 -2.05 5.21
CA PRO B 171 -25.80 -1.62 5.39
C PRO B 171 -26.02 -0.15 5.09
N LYS B 172 -24.99 0.67 5.32
CA LYS B 172 -25.00 2.10 4.96
C LYS B 172 -25.24 2.28 3.45
N LEU B 173 -24.85 1.28 2.66
CA LEU B 173 -24.98 1.35 1.20
C LEU B 173 -26.08 0.46 0.63
N LYS B 174 -27.14 0.20 1.40
CA LYS B 174 -28.22 -0.64 0.89
C LYS B 174 -29.19 0.13 -0.01
N GLN B 175 -29.36 1.41 0.30
CA GLN B 175 -30.30 2.28 -0.39
C GLN B 175 -29.91 3.74 -0.18
N PRO B 176 -30.39 4.63 -1.07
CA PRO B 176 -30.12 6.05 -0.88
C PRO B 176 -31.11 6.68 0.08
N ASP B 177 -30.81 7.89 0.56
CA ASP B 177 -31.74 8.60 1.42
C ASP B 177 -32.99 9.05 0.63
N ALA B 178 -34.05 9.40 1.36
CA ALA B 178 -35.35 9.69 0.75
C ALA B 178 -35.30 10.80 -0.30
N ASN B 179 -34.52 11.86 -0.03
CA ASN B 179 -34.39 12.96 -0.98
C ASN B 179 -33.80 12.46 -2.29
N VAL B 180 -32.81 11.58 -2.17
CA VAL B 180 -32.15 11.00 -3.34
C VAL B 180 -33.11 10.06 -4.08
N LYS B 181 -33.88 9.28 -3.32
CA LYS B 181 -34.90 8.39 -3.89
C LYS B 181 -35.87 9.16 -4.82
N ALA B 182 -36.42 10.25 -4.30
CA ALA B 182 -37.40 11.05 -5.05
C ALA B 182 -36.82 11.54 -6.38
N ALA B 183 -35.60 12.04 -6.33
CA ALA B 183 -34.92 12.52 -7.54
C ALA B 183 -34.59 11.36 -8.46
N TRP B 184 -34.31 10.19 -7.86
CA TRP B 184 -33.97 9.00 -8.61
C TRP B 184 -35.16 8.57 -9.45
N GLU B 185 -36.32 8.51 -8.82
CA GLU B 185 -37.53 7.98 -9.45
C GLU B 185 -38.09 8.90 -10.55
N LYS B 186 -37.77 10.20 -10.46
CA LYS B 186 -38.11 11.18 -11.50
C LYS B 186 -37.63 10.78 -12.89
N HIS B 187 -36.55 10.01 -12.94
CA HIS B 187 -36.00 9.51 -14.20
C HIS B 187 -36.58 8.15 -14.57
N ALA B 188 -37.64 8.18 -15.39
CA ALA B 188 -38.38 6.96 -15.76
C ALA B 188 -37.56 5.99 -16.63
N ASP B 189 -36.39 6.44 -17.08
CA ASP B 189 -35.47 5.59 -17.83
C ASP B 189 -34.39 4.92 -16.98
N TRP B 190 -34.13 5.47 -15.79
CA TRP B 190 -33.12 4.89 -14.87
C TRP B 190 -33.64 3.64 -14.19
N GLU B 191 -32.80 2.61 -14.16
CA GLU B 191 -33.05 1.42 -13.33
C GLU B 191 -33.23 1.87 -11.87
N HIS B 192 -34.17 1.24 -11.19
CA HIS B 192 -34.64 1.66 -9.86
C HIS B 192 -33.57 1.60 -8.77
N TRP B 193 -33.69 2.45 -7.75
CA TRP B 193 -32.69 2.58 -6.69
C TRP B 193 -32.49 1.28 -5.91
N SER B 194 -33.49 0.40 -5.98
CA SER B 194 -33.44 -0.89 -5.30
C SER B 194 -32.30 -1.74 -5.81
N ASN B 195 -31.72 -1.32 -6.95
CA ASN B 195 -30.47 -1.88 -7.47
C ASN B 195 -29.31 -1.76 -6.47
N MET B 196 -29.44 -0.84 -5.51
CA MET B 196 -28.42 -0.66 -4.48
C MET B 196 -28.43 -1.83 -3.52
N GLY B 197 -29.60 -2.40 -3.29
CA GLY B 197 -29.80 -3.49 -2.34
C GLY B 197 -30.00 -4.85 -2.95
N GLN B 198 -29.98 -4.94 -4.27
CA GLN B 198 -30.09 -6.21 -4.98
C GLN B 198 -28.93 -7.16 -4.69
N ASP B 199 -29.21 -8.46 -4.75
CA ASP B 199 -28.19 -9.52 -4.60
C ASP B 199 -27.33 -9.27 -3.35
N TRP B 200 -28.00 -8.93 -2.26
CA TRP B 200 -27.34 -8.56 -1.03
C TRP B 200 -26.68 -9.80 -0.43
N SER B 201 -27.45 -10.89 -0.41
CA SER B 201 -27.04 -12.17 0.14
C SER B 201 -27.92 -13.25 -0.48
N LEU B 202 -27.47 -14.50 -0.38
CA LEU B 202 -28.23 -15.65 -0.90
C LEU B 202 -28.22 -16.80 0.13
N ASN B 203 -29.43 -17.24 0.49
CA ASN B 203 -29.60 -18.36 1.37
C ASN B 203 -29.27 -19.65 0.63
N THR B 204 -28.46 -20.50 1.25
CA THR B 204 -28.11 -21.78 0.68
C THR B 204 -28.07 -22.82 1.81
N PRO B 205 -28.08 -24.11 1.47
CA PRO B 205 -28.02 -25.15 2.51
C PRO B 205 -26.81 -25.06 3.45
N SER B 206 -25.68 -24.55 2.96
CA SER B 206 -24.49 -24.58 3.81
C SER B 206 -24.21 -23.25 4.50
N GLY B 207 -25.10 -22.28 4.33
CA GLY B 207 -25.00 -21.00 5.02
C GLY B 207 -25.53 -19.82 4.21
N LEU B 208 -25.61 -18.66 4.85
CA LEU B 208 -25.99 -17.45 4.15
C LEU B 208 -24.78 -16.93 3.38
N VAL B 209 -24.95 -16.71 2.08
CA VAL B 209 -23.82 -16.31 1.26
C VAL B 209 -23.91 -14.82 0.99
N PRO B 210 -22.93 -14.04 1.49
CA PRO B 210 -22.90 -12.58 1.28
C PRO B 210 -22.40 -12.23 -0.12
N ARG B 211 -22.79 -11.06 -0.59
CA ARG B 211 -22.37 -10.55 -1.91
C ARG B 211 -22.37 -11.65 -2.98
N PRO B 212 -23.49 -12.38 -3.13
CA PRO B 212 -23.43 -13.58 -3.96
C PRO B 212 -23.12 -13.30 -5.44
N ASN B 213 -23.36 -12.09 -5.90
CA ASN B 213 -23.03 -11.75 -7.28
C ASN B 213 -21.56 -11.32 -7.44
N HIS B 214 -20.89 -11.02 -6.33
CA HIS B 214 -19.49 -10.58 -6.36
C HIS B 214 -18.65 -11.20 -5.25
N GLY B 215 -18.70 -12.53 -5.18
CA GLY B 215 -18.08 -13.28 -4.11
C GLY B 215 -16.91 -14.03 -4.67
N ILE B 216 -16.47 -15.04 -3.93
CA ILE B 216 -15.28 -15.80 -4.32
C ILE B 216 -15.46 -16.60 -5.61
N ALA B 217 -16.67 -17.06 -5.89
CA ALA B 217 -16.95 -17.81 -7.12
C ALA B 217 -16.63 -16.94 -8.34
N HIS B 218 -17.22 -15.75 -8.36
CA HIS B 218 -16.98 -14.77 -9.41
C HIS B 218 -15.50 -14.42 -9.54
N THR B 219 -14.87 -14.14 -8.39
CA THR B 219 -13.47 -13.78 -8.34
C THR B 219 -12.59 -14.87 -8.96
N LEU B 220 -12.76 -16.10 -8.50
CA LEU B 220 -11.93 -17.18 -9.00
C LEU B 220 -12.23 -17.49 -10.46
N ARG B 221 -13.48 -17.33 -10.87
CA ARG B 221 -13.86 -17.56 -12.27
C ARG B 221 -13.21 -16.57 -13.22
N VAL B 222 -13.34 -15.28 -12.93
CA VAL B 222 -12.73 -14.28 -13.80
C VAL B 222 -11.21 -14.43 -13.82
N ALA B 223 -10.65 -14.91 -12.71
CA ALA B 223 -9.23 -15.25 -12.62
C ALA B 223 -8.88 -16.46 -13.48
N GLN B 224 -9.68 -17.52 -13.39
CA GLN B 224 -9.50 -18.69 -14.23
C GLN B 224 -9.62 -18.41 -15.72
N LEU B 225 -10.46 -17.43 -16.10
CA LEU B 225 -10.70 -17.13 -17.52
C LEU B 225 -9.47 -16.50 -18.22
N VAL B 226 -8.71 -15.72 -17.47
CA VAL B 226 -7.61 -14.90 -18.03
C VAL B 226 -6.62 -15.65 -18.94
N PRO B 227 -6.02 -16.75 -18.45
CA PRO B 227 -5.05 -17.42 -19.34
C PRO B 227 -5.70 -17.99 -20.62
N VAL B 228 -6.96 -18.43 -20.51
CA VAL B 228 -7.68 -18.98 -21.66
C VAL B 228 -8.04 -17.89 -22.66
N ILE B 229 -8.58 -16.77 -22.16
CA ILE B 229 -8.77 -15.61 -23.02
C ILE B 229 -7.47 -15.25 -23.76
N ALA B 230 -6.36 -15.23 -23.04
CA ALA B 230 -5.06 -14.85 -23.62
C ALA B 230 -4.70 -15.76 -24.80
N GLU B 231 -4.88 -17.07 -24.61
CA GLU B 231 -4.59 -18.03 -25.66
C GLU B 231 -5.49 -17.82 -26.90
N PHE B 232 -6.73 -17.39 -26.69
CA PHE B 232 -7.62 -17.10 -27.81
C PHE B 232 -7.26 -15.83 -28.55
N LEU B 233 -6.86 -14.81 -27.79
CA LEU B 233 -6.41 -13.57 -28.37
C LEU B 233 -5.15 -13.72 -29.21
N LYS B 234 -4.23 -14.58 -28.76
CA LYS B 234 -3.02 -14.89 -29.52
C LYS B 234 -3.39 -15.56 -30.83
N ALA B 235 -4.35 -16.47 -30.76
CA ALA B 235 -4.73 -17.27 -31.90
C ALA B 235 -5.58 -16.51 -32.92
N TYR B 236 -6.49 -15.67 -32.43
CA TYR B 236 -7.57 -15.14 -33.26
C TYR B 236 -7.59 -13.65 -33.50
N SER B 237 -6.85 -12.90 -32.70
CA SER B 237 -6.92 -11.45 -32.78
C SER B 237 -6.30 -10.91 -34.08
N GLY B 238 -5.21 -11.53 -34.52
CA GLY B 238 -4.45 -11.05 -35.68
C GLY B 238 -3.82 -9.70 -35.34
N ASP B 239 -3.53 -9.53 -34.05
CA ASP B 239 -3.09 -8.28 -33.47
C ASP B 239 -1.82 -8.60 -32.67
N PRO B 240 -0.68 -8.06 -33.13
CA PRO B 240 0.64 -8.34 -32.55
C PRO B 240 0.74 -7.99 -31.08
N LYS B 241 -0.03 -6.98 -30.65
CA LYS B 241 -0.13 -6.54 -29.26
C LYS B 241 -0.18 -7.72 -28.33
N PHE B 242 -1.06 -8.68 -28.65
CA PHE B 242 -1.36 -9.79 -27.78
C PHE B 242 -0.30 -10.87 -27.86
N GLN B 243 0.38 -10.94 -28.99
CA GLN B 243 1.50 -11.87 -29.18
C GLN B 243 2.67 -11.56 -28.23
N LYS B 244 2.42 -10.65 -27.29
CA LYS B 244 3.39 -10.15 -26.33
C LYS B 244 2.90 -10.45 -24.90
N LEU B 245 1.91 -11.32 -24.81
CA LEU B 245 1.49 -11.80 -23.52
C LEU B 245 2.31 -13.03 -23.18
N THR B 246 3.23 -12.79 -22.26
CA THR B 246 4.07 -13.81 -21.70
C THR B 246 3.23 -14.59 -20.73
N GLN B 247 3.77 -15.71 -20.30
CA GLN B 247 3.31 -16.43 -19.14
C GLN B 247 3.23 -15.48 -17.95
N LYS B 248 4.33 -14.77 -17.70
CA LYS B 248 4.41 -13.91 -16.55
C LYS B 248 3.40 -12.77 -16.60
N GLU B 249 3.17 -12.20 -17.78
CA GLU B 249 2.20 -11.10 -17.92
C GLU B 249 0.78 -11.62 -17.71
N ILE B 250 0.49 -12.80 -18.24
CA ILE B 250 -0.78 -13.49 -18.03
C ILE B 250 -0.98 -13.78 -16.54
N GLN B 251 0.10 -14.25 -15.89
CA GLN B 251 0.09 -14.53 -14.46
C GLN B 251 -0.20 -13.30 -13.61
N LYS B 252 0.44 -12.19 -13.96
CA LYS B 252 0.15 -10.92 -13.32
C LYS B 252 -1.32 -10.53 -13.48
N ALA B 253 -1.86 -10.69 -14.69
CA ALA B 253 -3.27 -10.34 -14.96
C ALA B 253 -4.19 -11.18 -14.07
N GLN B 254 -3.87 -12.46 -13.98
CA GLN B 254 -4.65 -13.42 -13.22
C GLN B 254 -4.66 -13.03 -11.74
N TYR B 255 -3.47 -12.73 -11.22
CA TYR B 255 -3.25 -12.30 -9.85
C TYR B 255 -4.05 -11.03 -9.54
N MET B 256 -4.02 -10.07 -10.46
CA MET B 256 -4.65 -8.76 -10.26
C MET B 256 -6.16 -8.88 -10.24
N MET B 257 -6.69 -9.82 -11.01
CA MET B 257 -8.12 -10.07 -11.06
C MET B 257 -8.66 -10.46 -9.71
N LEU B 258 -7.82 -11.10 -8.90
CA LEU B 258 -8.19 -11.51 -7.55
C LEU B 258 -8.57 -10.32 -6.69
N PHE B 259 -7.99 -9.17 -6.99
CA PHE B 259 -8.24 -7.94 -6.24
C PHE B 259 -9.29 -7.08 -6.91
N SER B 260 -9.89 -7.60 -7.97
CA SER B 260 -10.78 -6.78 -8.81
C SER B 260 -12.15 -6.45 -8.21
N VAL B 261 -12.70 -7.29 -7.34
CA VAL B 261 -14.00 -6.98 -6.69
C VAL B 261 -14.01 -6.73 -5.19
N ILE B 262 -12.83 -6.68 -4.57
CA ILE B 262 -12.78 -6.63 -3.10
C ILE B 262 -13.24 -5.30 -2.47
N GLY B 263 -13.32 -4.27 -3.28
CA GLY B 263 -13.65 -2.94 -2.77
C GLY B 263 -15.14 -2.70 -2.58
N ARG B 264 -15.97 -3.52 -3.22
CA ARG B 264 -17.42 -3.32 -3.25
C ARG B 264 -18.07 -3.41 -1.87
N GLU B 265 -18.94 -2.45 -1.60
CA GLU B 265 -19.74 -2.44 -0.39
C GLU B 265 -21.23 -2.62 -0.69
N ASN B 266 -21.57 -2.67 -1.98
CA ASN B 266 -22.90 -3.11 -2.45
C ASN B 266 -22.81 -3.68 -3.86
N ASP B 267 -23.94 -4.11 -4.41
CA ASP B 267 -23.93 -4.78 -5.69
C ASP B 267 -24.31 -3.89 -6.86
N MET B 268 -24.26 -2.57 -6.65
CA MET B 268 -24.70 -1.62 -7.67
C MET B 268 -23.70 -1.51 -8.83
N SER B 269 -24.21 -1.27 -10.04
CA SER B 269 -23.35 -1.08 -11.20
C SER B 269 -22.72 0.31 -11.22
N TRP B 270 -21.75 0.49 -12.11
CA TRP B 270 -21.15 1.79 -12.37
C TRP B 270 -22.22 2.81 -12.80
N THR B 271 -23.21 2.36 -13.57
CA THR B 271 -24.32 3.22 -13.99
C THR B 271 -25.17 3.64 -12.79
N ASP B 272 -25.47 2.67 -11.92
CA ASP B 272 -26.20 2.92 -10.69
C ASP B 272 -25.51 4.01 -9.86
N ALA B 273 -24.18 3.92 -9.75
CA ALA B 273 -23.39 4.90 -8.98
C ALA B 273 -23.42 6.27 -9.67
N ASN B 274 -23.45 6.28 -11.00
CA ASN B 274 -23.63 7.51 -11.76
C ASN B 274 -24.96 8.14 -11.42
N HIS B 275 -26.01 7.33 -11.47
CA HIS B 275 -27.38 7.78 -11.16
C HIS B 275 -27.51 8.30 -9.75
N TYR B 276 -26.87 7.61 -8.80
CA TYR B 276 -26.84 8.05 -7.41
C TYR B 276 -26.24 9.44 -7.27
N GLN B 277 -25.05 9.63 -7.84
CA GLN B 277 -24.33 10.90 -7.77
C GLN B 277 -25.12 12.03 -8.42
N GLN B 278 -25.76 11.75 -9.56
CA GLN B 278 -26.54 12.73 -10.30
C GLN B 278 -27.84 13.04 -9.58
N ALA B 279 -28.46 12.00 -9.03
CA ALA B 279 -29.66 12.18 -8.21
C ALA B 279 -29.36 12.89 -6.90
N PHE B 280 -28.17 12.68 -6.35
CA PHE B 280 -27.72 13.42 -5.16
C PHE B 280 -27.54 14.90 -5.53
N LYS B 281 -27.08 15.13 -6.75
CA LYS B 281 -26.89 16.47 -7.27
C LYS B 281 -28.24 17.17 -7.45
N GLU B 282 -29.23 16.43 -7.93
CA GLU B 282 -30.57 16.97 -8.17
C GLU B 282 -31.34 17.22 -6.87
N ALA B 283 -31.14 16.33 -5.90
CA ALA B 283 -31.83 16.39 -4.61
C ALA B 283 -31.31 17.51 -3.71
N TYR B 284 -30.05 17.89 -3.92
CA TYR B 284 -29.35 18.81 -3.00
C TYR B 284 -28.72 20.03 -3.67
N ASN B 285 -29.50 20.69 -4.52
CA ASN B 285 -29.07 21.91 -5.26
C ASN B 285 -27.62 21.88 -5.76
N GLY B 286 -27.27 20.84 -6.50
CA GLY B 286 -25.95 20.74 -7.11
C GLY B 286 -24.79 20.38 -6.20
N GLN B 287 -25.08 20.03 -4.94
CA GLN B 287 -24.03 19.59 -4.01
C GLN B 287 -23.36 18.29 -4.49
N TYR B 288 -22.03 18.30 -4.45
CA TYR B 288 -21.20 17.18 -4.89
C TYR B 288 -21.11 16.12 -3.80
N SER B 289 -21.04 14.86 -4.24
CA SER B 289 -20.70 13.73 -3.38
C SER B 289 -19.67 12.85 -4.09
N LYS B 290 -18.83 12.18 -3.30
CA LYS B 290 -17.82 11.27 -3.82
C LYS B 290 -18.49 10.12 -4.59
N HIS B 291 -18.00 9.84 -5.78
CA HIS B 291 -18.50 8.72 -6.58
C HIS B 291 -18.30 7.43 -5.81
N ILE B 292 -19.35 6.61 -5.76
CA ILE B 292 -19.34 5.34 -5.00
C ILE B 292 -18.26 4.36 -5.48
N TYR B 293 -18.16 4.21 -6.79
CA TYR B 293 -17.11 3.41 -7.39
C TYR B 293 -15.70 3.87 -7.07
N ALA B 294 -15.53 5.17 -6.87
CA ALA B 294 -14.24 5.69 -6.45
C ALA B 294 -13.89 5.14 -5.07
N THR B 295 -14.88 5.08 -4.17
CA THR B 295 -14.70 4.52 -2.84
C THR B 295 -14.39 3.02 -2.96
N PHE B 296 -15.08 2.36 -3.89
CA PHE B 296 -14.88 0.94 -4.19
C PHE B 296 -13.47 0.69 -4.69
N LYS B 297 -13.06 1.47 -5.68
CA LYS B 297 -11.71 1.42 -6.23
C LYS B 297 -10.63 1.70 -5.18
N GLU B 298 -10.83 2.71 -4.33
CA GLU B 298 -9.84 3.03 -3.28
C GLU B 298 -9.70 1.91 -2.23
N ASN B 299 -10.81 1.32 -1.83
CA ASN B 299 -10.77 0.17 -0.92
C ASN B 299 -10.01 -1.00 -1.51
N ALA B 300 -10.21 -1.26 -2.80
CA ALA B 300 -9.54 -2.37 -3.48
C ALA B 300 -8.05 -2.15 -3.53
N GLN B 301 -7.67 -0.92 -3.90
CA GLN B 301 -6.28 -0.46 -3.93
C GLN B 301 -5.61 -0.66 -2.56
N LYS B 302 -6.29 -0.20 -1.51
CA LYS B 302 -5.86 -0.41 -0.12
C LYS B 302 -5.56 -1.87 0.20
N GLY B 303 -6.56 -2.73 0.00
CA GLY B 303 -6.41 -4.17 0.22
C GLY B 303 -5.15 -4.70 -0.46
N PHE B 304 -4.97 -4.33 -1.74
CA PHE B 304 -3.78 -4.74 -2.48
C PHE B 304 -2.46 -4.25 -1.87
N LEU B 305 -2.43 -2.98 -1.47
CA LEU B 305 -1.24 -2.39 -0.88
C LEU B 305 -0.93 -3.07 0.43
N ASN B 306 -1.99 -3.36 1.18
CA ASN B 306 -1.87 -4.03 2.46
C ASN B 306 -1.29 -5.41 2.31
N HIS B 307 -1.65 -6.11 1.23
CA HIS B 307 -1.20 -7.47 1.02
C HIS B 307 0.24 -7.53 0.55
N VAL B 308 0.57 -6.71 -0.43
CA VAL B 308 1.90 -6.75 -1.04
C VAL B 308 2.99 -6.24 -0.09
N VAL B 309 2.61 -5.38 0.84
CA VAL B 309 3.54 -4.72 1.77
C VAL B 309 4.41 -5.73 2.51
N THR B 310 3.84 -6.87 2.85
CA THR B 310 4.55 -7.92 3.57
C THR B 310 4.98 -9.10 2.69
N ASN B 311 4.74 -9.03 1.39
CA ASN B 311 4.94 -10.18 0.50
C ASN B 311 5.91 -9.91 -0.63
N LYS B 312 6.65 -8.82 -0.52
CA LYS B 312 7.57 -8.40 -1.58
C LYS B 312 8.60 -9.42 -1.99
N SER B 313 9.23 -10.07 -1.01
CA SER B 313 10.22 -11.11 -1.33
C SER B 313 9.61 -12.23 -2.17
N SER B 314 8.35 -12.56 -1.87
CA SER B 314 7.63 -13.57 -2.63
C SER B 314 7.19 -13.13 -4.03
N LEU B 315 6.89 -11.85 -4.19
CA LEU B 315 6.27 -11.35 -5.42
C LEU B 315 7.28 -10.83 -6.42
N ILE B 316 8.40 -10.33 -5.88
CA ILE B 316 9.47 -9.75 -6.69
C ILE B 316 10.72 -10.58 -6.44
N PRO B 317 11.40 -11.02 -7.51
CA PRO B 317 11.08 -10.77 -8.93
C PRO B 317 10.23 -11.82 -9.62
N SER B 318 9.67 -12.77 -8.87
CA SER B 318 9.02 -13.94 -9.49
C SER B 318 7.77 -13.62 -10.31
N LEU B 319 6.94 -12.73 -9.77
CA LEU B 319 5.71 -12.35 -10.45
C LEU B 319 5.81 -10.95 -11.01
N PHE B 320 6.17 -10.00 -10.14
CA PHE B 320 6.38 -8.62 -10.55
C PHE B 320 7.88 -8.36 -10.69
N SER B 321 8.26 -7.76 -11.82
CA SER B 321 9.68 -7.47 -12.14
C SER B 321 10.42 -6.70 -11.05
N ASP B 322 9.76 -5.72 -10.45
CA ASP B 322 10.35 -4.84 -9.44
C ASP B 322 9.26 -3.98 -8.79
N GLU B 323 9.65 -3.11 -7.87
CA GLU B 323 8.71 -2.31 -7.08
C GLU B 323 7.89 -1.35 -7.93
N SER B 324 8.44 -0.89 -9.05
CA SER B 324 7.71 0.07 -9.88
C SER B 324 6.63 -0.61 -10.72
N GLU B 325 6.83 -1.89 -11.04
CA GLU B 325 5.81 -2.65 -11.74
C GLU B 325 4.64 -2.89 -10.79
N LEU B 326 4.98 -3.14 -9.54
CA LEU B 326 4.00 -3.26 -8.47
C LEU B 326 3.24 -1.95 -8.30
N GLN B 327 3.94 -0.83 -8.43
CA GLN B 327 3.33 0.49 -8.34
C GLN B 327 2.33 0.72 -9.47
N TYR B 328 2.73 0.39 -10.70
CA TYR B 328 1.87 0.52 -11.88
C TYR B 328 0.55 -0.20 -11.65
N TRP B 329 0.62 -1.42 -11.13
CA TRP B 329 -0.57 -2.23 -10.95
C TRP B 329 -1.42 -1.76 -9.77
N ALA B 330 -0.78 -1.31 -8.71
CA ALA B 330 -1.46 -0.66 -7.58
C ALA B 330 -2.27 0.55 -8.06
N GLU B 331 -1.66 1.34 -8.95
CA GLU B 331 -2.32 2.51 -9.53
C GLU B 331 -3.44 2.12 -10.48
N ALA B 332 -3.19 1.08 -11.27
CA ALA B 332 -4.15 0.59 -12.27
C ALA B 332 -5.45 0.12 -11.62
N LEU B 333 -5.35 -0.29 -10.35
CA LEU B 333 -6.52 -0.68 -9.57
C LEU B 333 -7.43 0.48 -9.19
N ASP B 334 -6.95 1.71 -9.36
CA ASP B 334 -7.80 2.89 -9.18
C ASP B 334 -8.10 3.55 -10.52
N THR B 335 -7.23 4.45 -10.96
CA THR B 335 -7.39 5.18 -12.22
C THR B 335 -7.54 4.25 -13.42
N ILE B 340 -8.14 0.70 -18.84
CA ILE B 340 -6.72 0.36 -18.97
C ILE B 340 -6.43 -0.16 -20.38
N SER B 341 -6.21 0.75 -21.32
CA SER B 341 -5.96 0.41 -22.72
C SER B 341 -4.57 -0.21 -22.93
N SER B 342 -4.48 -1.53 -22.71
CA SER B 342 -3.26 -2.28 -22.96
C SER B 342 -3.59 -3.75 -23.14
N ALA B 343 -2.62 -4.54 -23.59
CA ALA B 343 -2.79 -5.99 -23.69
C ALA B 343 -3.34 -6.57 -22.38
N SER B 344 -2.72 -6.21 -21.28
CA SER B 344 -3.13 -6.68 -19.95
C SER B 344 -4.54 -6.21 -19.54
N GLY B 345 -4.84 -4.95 -19.81
CA GLY B 345 -6.13 -4.36 -19.44
C GLY B 345 -7.26 -4.98 -20.21
N ILE B 346 -7.09 -5.13 -21.52
CA ILE B 346 -8.09 -5.71 -22.41
C ILE B 346 -8.38 -7.16 -21.99
N LEU B 347 -7.33 -7.90 -21.70
CA LEU B 347 -7.41 -9.25 -21.17
C LEU B 347 -8.28 -9.34 -19.90
N MET B 348 -8.06 -8.41 -18.98
CA MET B 348 -8.81 -8.37 -17.72
C MET B 348 -10.24 -7.90 -17.90
N ALA B 349 -10.44 -6.96 -18.83
CA ALA B 349 -11.76 -6.49 -19.19
C ALA B 349 -12.65 -7.61 -19.74
N LEU B 350 -12.06 -8.46 -20.60
CA LEU B 350 -12.80 -9.51 -21.27
C LEU B 350 -13.19 -10.64 -20.32
N ALA B 351 -12.35 -10.87 -19.31
CA ALA B 351 -12.67 -11.78 -18.21
C ALA B 351 -13.90 -11.29 -17.43
N HIS B 352 -13.87 -10.03 -16.98
CA HIS B 352 -15.06 -9.41 -16.38
C HIS B 352 -16.25 -9.47 -17.33
N ASP B 353 -16.04 -9.08 -18.59
CA ASP B 353 -17.11 -9.12 -19.62
C ASP B 353 -17.81 -10.47 -19.72
N LEU B 354 -17.04 -11.53 -19.90
CA LEU B 354 -17.58 -12.88 -20.02
C LEU B 354 -18.41 -13.37 -18.82
N ASP B 355 -17.92 -13.10 -17.60
CA ASP B 355 -18.59 -13.59 -16.39
C ASP B 355 -19.89 -12.89 -16.10
N LEU B 356 -20.12 -11.77 -16.77
CA LEU B 356 -21.38 -11.04 -16.65
C LEU B 356 -22.62 -11.80 -17.14
N MET B 357 -22.40 -12.87 -17.92
CA MET B 357 -23.50 -13.76 -18.30
C MET B 357 -24.24 -14.29 -17.07
N ARG B 358 -23.59 -14.24 -15.91
CA ARG B 358 -24.23 -14.67 -14.67
C ARG B 358 -25.41 -13.77 -14.25
N CYS B 359 -25.38 -12.49 -14.63
CA CYS B 359 -26.39 -11.55 -14.17
C CYS B 359 -26.98 -10.66 -15.27
N TYR B 360 -26.69 -10.96 -16.52
CA TYR B 360 -27.25 -10.22 -17.64
C TYR B 360 -28.14 -11.17 -18.42
N ASP B 361 -29.34 -10.72 -18.81
CA ASP B 361 -30.19 -11.54 -19.69
C ASP B 361 -29.57 -11.73 -21.07
N LYS B 362 -30.16 -12.60 -21.88
CA LYS B 362 -29.50 -12.98 -23.14
C LYS B 362 -29.28 -11.80 -24.08
N GLY B 363 -30.32 -10.96 -24.21
CA GLY B 363 -30.25 -9.78 -25.09
C GLY B 363 -29.17 -8.82 -24.65
N LYS B 364 -29.20 -8.45 -23.37
CA LYS B 364 -28.21 -7.55 -22.80
C LYS B 364 -26.77 -8.11 -22.86
N PHE B 365 -26.58 -9.36 -22.48
CA PHE B 365 -25.24 -9.94 -22.56
C PHE B 365 -24.68 -9.98 -24.00
N ASN B 366 -25.51 -10.41 -24.95
CA ASN B 366 -25.03 -10.55 -26.32
C ASN B 366 -24.65 -9.23 -26.98
N SER B 367 -25.42 -8.19 -26.72
CA SER B 367 -25.16 -6.89 -27.34
C SER B 367 -24.09 -6.15 -26.56
N LEU B 368 -24.20 -6.15 -25.24
CA LEU B 368 -23.29 -5.38 -24.41
C LEU B 368 -21.93 -6.00 -24.23
N LYS B 369 -21.85 -7.33 -24.27
CA LYS B 369 -20.57 -7.97 -24.00
C LYS B 369 -20.01 -8.77 -25.16
N MET B 370 -20.83 -9.58 -25.80
CA MET B 370 -20.34 -10.49 -26.81
C MET B 370 -19.79 -9.80 -28.05
N LYS B 371 -20.39 -8.67 -28.44
CA LYS B 371 -19.94 -7.92 -29.62
C LYS B 371 -18.50 -7.44 -29.46
N ASP B 372 -18.20 -6.89 -28.29
CA ASP B 372 -16.86 -6.44 -27.94
C ASP B 372 -15.85 -7.57 -27.93
N LEU B 373 -16.29 -8.77 -27.54
CA LEU B 373 -15.42 -9.94 -27.55
C LEU B 373 -15.21 -10.41 -28.98
N VAL B 374 -16.28 -10.47 -29.76
CA VAL B 374 -16.21 -10.93 -31.15
C VAL B 374 -15.27 -10.01 -31.92
N ALA B 375 -15.42 -8.70 -31.71
CA ALA B 375 -14.53 -7.70 -32.28
C ALA B 375 -13.07 -7.96 -31.92
N ARG B 376 -12.83 -8.26 -30.65
CA ARG B 376 -11.50 -8.50 -30.12
C ARG B 376 -10.80 -9.68 -30.77
N LEU B 377 -11.59 -10.68 -31.19
CA LEU B 377 -11.05 -11.89 -31.77
C LEU B 377 -11.16 -11.83 -33.29
N GLY B 378 -11.02 -10.63 -33.83
CA GLY B 378 -11.00 -10.41 -35.27
C GLY B 378 -12.31 -10.72 -35.95
N GLY B 379 -13.42 -10.61 -35.23
CA GLY B 379 -14.73 -10.97 -35.75
C GLY B 379 -14.97 -12.47 -35.81
N ASN B 380 -14.10 -13.24 -35.19
CA ASN B 380 -14.29 -14.68 -35.12
C ASN B 380 -15.35 -15.03 -34.07
N GLU B 381 -16.56 -15.23 -34.59
CA GLU B 381 -17.77 -15.51 -33.82
C GLU B 381 -17.67 -16.84 -33.07
N ASP B 382 -17.23 -17.87 -33.78
CA ASP B 382 -17.10 -19.21 -33.22
C ASP B 382 -16.08 -19.29 -32.10
N ALA B 383 -14.96 -18.56 -32.20
CA ALA B 383 -13.95 -18.56 -31.13
C ALA B 383 -14.48 -17.92 -29.85
N ALA B 384 -15.23 -16.83 -30.04
CA ALA B 384 -15.94 -16.15 -28.96
C ALA B 384 -16.94 -17.08 -28.28
N LYS B 385 -17.68 -17.83 -29.09
CA LYS B 385 -18.66 -18.80 -28.61
C LYS B 385 -18.00 -19.88 -27.79
N LYS B 386 -16.85 -20.35 -28.26
CA LYS B 386 -16.09 -21.35 -27.52
C LYS B 386 -15.65 -20.79 -26.14
N LEU B 387 -15.23 -19.53 -26.14
CA LEU B 387 -14.78 -18.87 -24.90
C LEU B 387 -15.98 -18.72 -23.99
N ALA B 388 -17.12 -18.30 -24.56
CA ALA B 388 -18.33 -18.13 -23.76
C ALA B 388 -18.88 -19.45 -23.22
N ASP B 389 -18.72 -20.54 -23.98
CA ASP B 389 -19.09 -21.88 -23.52
C ASP B 389 -18.32 -22.24 -22.25
N TYR B 390 -17.03 -21.91 -22.24
CA TYR B 390 -16.15 -22.17 -21.11
C TYR B 390 -16.56 -21.35 -19.89
N ALA B 391 -16.79 -20.05 -20.09
CA ALA B 391 -17.30 -19.19 -19.02
C ALA B 391 -18.64 -19.70 -18.43
N HIS B 392 -19.54 -20.09 -19.31
CA HIS B 392 -20.80 -20.73 -18.91
C HIS B 392 -20.58 -21.99 -18.04
N ASP B 393 -19.71 -22.89 -18.50
CA ASP B 393 -19.39 -24.11 -17.80
C ASP B 393 -18.75 -23.85 -16.42
N LEU B 394 -17.96 -22.78 -16.31
CA LEU B 394 -17.33 -22.42 -15.02
C LEU B 394 -18.39 -21.97 -14.03
N ILE B 395 -19.36 -21.19 -14.50
CA ILE B 395 -20.54 -20.78 -13.73
C ILE B 395 -21.35 -21.99 -13.23
N VAL B 396 -21.69 -22.89 -14.14
CA VAL B 396 -22.44 -24.11 -13.84
C VAL B 396 -21.66 -24.97 -12.85
N ALA B 397 -20.34 -25.05 -13.03
CA ALA B 397 -19.53 -25.86 -12.13
C ALA B 397 -19.49 -25.29 -10.72
N THR B 398 -19.72 -23.99 -10.57
CA THR B 398 -19.76 -23.39 -9.24
C THR B 398 -21.18 -23.22 -8.71
N GLY B 399 -22.16 -23.69 -9.47
CA GLY B 399 -23.56 -23.65 -9.07
C GLY B 399 -24.19 -22.28 -9.16
N ASP B 400 -23.49 -21.36 -9.81
CA ASP B 400 -23.93 -19.97 -9.93
C ASP B 400 -25.07 -19.93 -10.94
N ARG B 401 -25.82 -18.85 -10.93
CA ARG B 401 -26.82 -18.66 -11.96
C ARG B 401 -26.14 -18.20 -13.23
N CYS B 402 -26.75 -18.56 -14.35
CA CYS B 402 -26.32 -18.13 -15.65
C CYS B 402 -27.57 -17.66 -16.34
N MET B 403 -27.55 -16.39 -16.76
CA MET B 403 -28.73 -15.74 -17.32
C MET B 403 -28.52 -15.32 -18.75
N GLY B 404 -27.26 -15.17 -19.15
CA GLY B 404 -26.95 -14.47 -20.38
C GLY B 404 -26.43 -15.27 -21.57
N TYR B 405 -26.21 -16.56 -21.40
CA TYR B 405 -25.59 -17.36 -22.45
C TYR B 405 -25.83 -18.83 -22.20
N GLY B 406 -25.94 -19.58 -23.29
CA GLY B 406 -26.02 -21.04 -23.25
C GLY B 406 -27.24 -21.56 -22.54
N VAL B 407 -27.09 -22.73 -21.93
CA VAL B 407 -28.16 -23.33 -21.17
C VAL B 407 -28.27 -22.58 -19.85
N THR B 408 -29.28 -21.73 -19.74
CA THR B 408 -29.39 -20.89 -18.57
C THR B 408 -29.87 -21.68 -17.37
N GLN B 409 -29.59 -21.17 -16.18
CA GLN B 409 -30.05 -21.83 -14.95
C GLN B 409 -30.21 -20.83 -13.82
N ASP B 410 -31.05 -21.19 -12.85
CA ASP B 410 -31.07 -20.50 -11.56
C ASP B 410 -29.87 -21.00 -10.73
N TYR B 411 -29.66 -20.43 -9.56
CA TYR B 411 -28.69 -20.98 -8.62
C TYR B 411 -28.92 -22.47 -8.32
N ASN B 412 -27.85 -23.27 -8.36
CA ASN B 412 -27.89 -24.57 -7.73
C ASN B 412 -27.48 -24.31 -6.29
N TYR B 413 -28.46 -24.19 -5.38
CA TYR B 413 -28.17 -23.63 -4.04
C TYR B 413 -27.15 -24.42 -3.27
N SER B 414 -27.27 -25.74 -3.37
CA SER B 414 -26.38 -26.66 -2.70
C SER B 414 -24.92 -26.48 -3.17
N LEU B 415 -24.71 -26.52 -4.48
CA LEU B 415 -23.38 -26.41 -5.07
C LEU B 415 -22.77 -25.00 -4.88
N PHE B 416 -23.61 -23.98 -5.07
CA PHE B 416 -23.18 -22.59 -4.92
C PHE B 416 -22.81 -22.24 -3.49
N GLY B 417 -23.54 -22.80 -2.53
CA GLY B 417 -23.22 -22.61 -1.11
C GLY B 417 -21.86 -23.20 -0.77
N LYS B 418 -21.64 -24.42 -1.23
CA LYS B 418 -20.35 -25.12 -1.14
C LYS B 418 -19.20 -24.33 -1.77
N CYS B 419 -19.41 -23.79 -2.98
CA CYS B 419 -18.33 -23.10 -3.68
C CYS B 419 -18.08 -21.74 -3.07
N SER B 420 -19.16 -21.06 -2.69
CA SER B 420 -19.08 -19.68 -2.22
C SER B 420 -18.58 -19.57 -0.79
N LEU B 421 -18.66 -20.65 -0.04
CA LEU B 421 -18.22 -20.62 1.34
C LEU B 421 -16.90 -21.36 1.54
N ASP B 422 -16.40 -21.98 0.49
CA ASP B 422 -15.10 -22.64 0.54
C ASP B 422 -14.32 -22.44 -0.74
N PRO B 423 -13.35 -21.49 -0.73
CA PRO B 423 -12.50 -21.20 -1.90
C PRO B 423 -11.84 -22.45 -2.49
N ASN B 424 -11.37 -23.33 -1.60
CA ASN B 424 -10.80 -24.61 -2.00
C ASN B 424 -11.73 -25.48 -2.82
N GLU B 425 -12.99 -25.54 -2.38
CA GLU B 425 -14.04 -26.28 -3.07
C GLU B 425 -14.27 -25.62 -4.42
N CYS B 426 -14.33 -24.29 -4.40
CA CYS B 426 -14.61 -23.52 -5.60
C CYS B 426 -13.57 -23.80 -6.68
N LEU B 427 -12.29 -23.75 -6.31
CA LEU B 427 -11.18 -24.10 -7.21
C LEU B 427 -11.30 -25.51 -7.75
N LYS B 428 -11.56 -26.47 -6.85
CA LYS B 428 -11.73 -27.85 -7.24
C LYS B 428 -12.73 -27.96 -8.38
N GLN B 429 -13.90 -27.35 -8.22
CA GLN B 429 -14.94 -27.37 -9.26
C GLN B 429 -14.48 -26.71 -10.57
N LEU B 430 -13.82 -25.55 -10.46
CA LEU B 430 -13.39 -24.85 -11.67
C LEU B 430 -12.35 -25.65 -12.45
N GLN B 431 -11.52 -26.39 -11.72
CA GLN B 431 -10.51 -27.26 -12.29
C GLN B 431 -11.12 -28.40 -13.08
N SER B 432 -12.30 -28.85 -12.67
CA SER B 432 -12.93 -29.99 -13.31
C SER B 432 -13.38 -29.71 -14.75
N ILE B 433 -13.27 -28.46 -15.19
CA ILE B 433 -13.77 -28.10 -16.52
C ILE B 433 -12.64 -27.93 -17.53
N PRO B 434 -12.68 -28.72 -18.61
CA PRO B 434 -11.66 -28.68 -19.66
C PRO B 434 -11.54 -27.31 -20.29
N LYS B 435 -10.31 -26.86 -20.51
CA LYS B 435 -10.07 -25.61 -21.23
C LYS B 435 -10.37 -25.86 -22.72
N PRO B 436 -11.06 -24.92 -23.38
CA PRO B 436 -11.29 -25.09 -24.81
C PRO B 436 -9.98 -24.90 -25.56
N GLU B 437 -9.80 -25.62 -26.66
CA GLU B 437 -8.56 -25.52 -27.40
C GLU B 437 -8.62 -24.58 -28.58
N THR B 438 -7.43 -24.21 -29.07
CA THR B 438 -7.28 -23.31 -30.19
C THR B 438 -7.98 -23.84 -31.44
N THR B 439 -7.44 -24.91 -32.02
CA THR B 439 -7.95 -25.50 -33.27
C THR B 439 -7.68 -24.60 -34.50
N ASP C 146 18.10 5.80 -35.61
CA ASP C 146 17.69 4.96 -36.78
C ASP C 146 16.25 5.25 -37.19
N TYR C 147 15.32 5.16 -36.24
CA TYR C 147 13.90 5.46 -36.53
C TYR C 147 13.68 6.95 -36.78
N LEU C 148 14.60 7.77 -36.29
CA LEU C 148 14.53 9.20 -36.52
C LEU C 148 14.78 9.51 -37.98
N LEU C 149 15.24 8.50 -38.72
CA LEU C 149 15.41 8.58 -40.17
C LEU C 149 14.32 7.82 -40.91
N SER C 150 13.41 7.17 -40.17
CA SER C 150 12.33 6.41 -40.79
C SER C 150 11.30 7.37 -41.39
N ALA C 151 10.36 6.81 -42.16
CA ALA C 151 9.32 7.59 -42.80
C ALA C 151 8.48 8.30 -41.74
N ASN C 152 7.97 7.51 -40.80
CA ASN C 152 7.22 8.06 -39.67
C ASN C 152 8.06 9.06 -38.87
N GLY C 153 9.36 8.78 -38.73
CA GLY C 153 10.24 9.61 -37.90
C GLY C 153 10.36 11.02 -38.44
N SER C 154 10.77 11.13 -39.69
CA SER C 154 10.96 12.43 -40.33
C SER C 154 9.66 13.24 -40.43
N LYS C 155 8.55 12.56 -40.71
CA LYS C 155 7.22 13.19 -40.74
C LYS C 155 6.86 13.80 -39.39
N ALA C 156 7.12 13.03 -38.34
CA ALA C 156 6.88 13.47 -36.98
C ALA C 156 7.76 14.66 -36.64
N ILE C 157 9.05 14.55 -36.96
CA ILE C 157 10.01 15.62 -36.77
C ILE C 157 9.53 16.93 -37.46
N ASP C 158 9.14 16.82 -38.73
CA ASP C 158 8.64 17.99 -39.48
C ASP C 158 7.45 18.60 -38.78
N PHE C 159 6.54 17.71 -38.33
CA PHE C 159 5.30 18.14 -37.69
C PHE C 159 5.57 18.93 -36.42
N VAL C 160 6.34 18.35 -35.49
CA VAL C 160 6.57 19.03 -34.21
C VAL C 160 7.38 20.31 -34.35
N TRP C 161 8.25 20.33 -35.35
CA TRP C 161 9.05 21.51 -35.63
C TRP C 161 8.16 22.63 -36.13
N SER C 162 7.43 22.35 -37.21
CA SER C 162 6.69 23.39 -37.92
C SER C 162 5.51 23.88 -37.10
N ASN C 163 4.85 22.95 -36.43
CA ASN C 163 3.62 23.25 -35.71
C ASN C 163 3.86 23.73 -34.30
N PHE C 164 5.05 23.50 -33.76
CA PHE C 164 5.32 23.87 -32.36
C PHE C 164 6.69 24.48 -32.08
N LEU C 165 7.75 23.75 -32.39
CA LEU C 165 9.08 24.08 -31.85
C LEU C 165 9.76 25.30 -32.43
N LYS C 166 9.41 25.67 -33.66
CA LYS C 166 9.99 26.86 -34.28
C LYS C 166 9.32 28.16 -33.84
N HIS C 167 8.28 28.06 -33.02
CA HIS C 167 7.50 29.23 -32.64
C HIS C 167 7.98 29.82 -31.34
N PRO C 168 7.87 31.16 -31.21
CA PRO C 168 8.23 31.81 -29.96
C PRO C 168 7.29 31.41 -28.82
N TYR C 169 7.78 31.49 -27.60
CA TYR C 169 6.99 31.34 -26.39
C TYR C 169 5.86 32.38 -26.34
N ASN C 170 4.90 32.16 -25.46
CA ASN C 170 3.74 33.02 -25.34
C ASN C 170 3.97 34.16 -24.35
N PRO C 171 3.97 35.42 -24.84
CA PRO C 171 4.15 36.63 -24.03
C PRO C 171 3.25 36.70 -22.80
N LYS C 172 2.04 36.17 -22.90
CA LYS C 172 1.10 36.17 -21.80
C LYS C 172 1.64 35.34 -20.60
N LEU C 173 2.67 34.55 -20.89
CA LEU C 173 3.27 33.67 -19.88
C LEU C 173 4.72 34.03 -19.55
N LYS C 174 5.09 35.28 -19.82
CA LYS C 174 6.46 35.73 -19.59
C LYS C 174 6.70 36.00 -18.11
N GLN C 175 5.63 36.39 -17.42
CA GLN C 175 5.68 36.81 -16.03
C GLN C 175 4.26 36.87 -15.50
N PRO C 176 4.10 36.76 -14.17
CA PRO C 176 2.78 36.88 -13.56
C PRO C 176 2.43 38.34 -13.31
N ASP C 177 1.16 38.63 -13.00
CA ASP C 177 0.76 40.01 -12.73
C ASP C 177 1.26 40.49 -11.36
N ALA C 178 1.11 41.79 -11.09
CA ALA C 178 1.65 42.40 -9.88
C ALA C 178 1.22 41.70 -8.59
N ASN C 179 -0.04 41.29 -8.53
CA ASN C 179 -0.55 40.62 -7.34
C ASN C 179 0.12 39.28 -7.11
N VAL C 180 0.25 38.50 -8.19
CA VAL C 180 0.91 37.18 -8.12
C VAL C 180 2.39 37.33 -7.79
N LYS C 181 3.03 38.36 -8.35
CA LYS C 181 4.41 38.69 -7.98
C LYS C 181 4.55 38.93 -6.47
N ALA C 182 3.64 39.74 -5.92
CA ALA C 182 3.66 40.13 -4.51
C ALA C 182 3.64 38.91 -3.58
N ALA C 183 2.76 37.96 -3.87
CA ALA C 183 2.66 36.71 -3.12
C ALA C 183 3.89 35.83 -3.32
N TRP C 184 4.41 35.83 -4.55
CA TRP C 184 5.58 35.06 -4.90
C TRP C 184 6.79 35.44 -4.05
N GLU C 185 7.03 36.75 -3.97
CA GLU C 185 8.24 37.31 -3.37
C GLU C 185 8.32 37.08 -1.87
N LYS C 186 7.15 36.89 -1.25
CA LYS C 186 7.09 36.58 0.18
C LYS C 186 7.81 35.28 0.55
N HIS C 187 7.91 34.35 -0.40
CA HIS C 187 8.56 33.05 -0.16
C HIS C 187 10.05 33.10 -0.49
N ALA C 188 10.85 33.39 0.53
CA ALA C 188 12.31 33.54 0.42
C ALA C 188 13.04 32.30 -0.06
N ASP C 189 12.38 31.15 -0.04
CA ASP C 189 12.98 29.91 -0.52
C ASP C 189 12.63 29.59 -1.97
N TRP C 190 11.60 30.26 -2.50
CA TRP C 190 11.16 30.08 -3.88
C TRP C 190 12.08 30.79 -4.86
N GLU C 191 12.43 30.12 -5.95
CA GLU C 191 13.16 30.77 -7.03
C GLU C 191 12.29 31.92 -7.59
N HIS C 192 12.96 33.01 -7.98
CA HIS C 192 12.32 34.24 -8.47
C HIS C 192 11.40 33.98 -9.66
N TRP C 193 10.30 34.75 -9.73
CA TRP C 193 9.31 34.62 -10.82
C TRP C 193 9.91 34.86 -12.19
N SER C 194 11.06 35.54 -12.22
CA SER C 194 11.86 35.78 -13.42
C SER C 194 12.17 34.50 -14.20
N ASN C 195 12.05 33.38 -13.51
CA ASN C 195 12.14 32.06 -14.13
C ASN C 195 11.07 31.80 -15.17
N MET C 196 9.96 32.54 -15.08
CA MET C 196 8.90 32.48 -16.10
C MET C 196 9.40 32.98 -17.43
N GLY C 197 10.33 33.94 -17.40
CA GLY C 197 10.82 34.60 -18.60
C GLY C 197 12.24 34.25 -19.03
N GLN C 198 12.91 33.38 -18.28
CA GLN C 198 14.27 32.91 -18.63
C GLN C 198 14.33 32.11 -19.94
N ASP C 199 15.49 32.16 -20.60
CA ASP C 199 15.75 31.42 -21.85
C ASP C 199 14.59 31.56 -22.84
N TRP C 200 14.08 32.78 -22.96
CA TRP C 200 12.94 33.06 -23.81
C TRP C 200 13.34 32.83 -25.25
N SER C 201 14.51 33.36 -25.59
CA SER C 201 15.05 33.23 -26.94
C SER C 201 16.57 33.37 -26.90
N LEU C 202 17.24 32.94 -27.96
CA LEU C 202 18.69 33.10 -28.04
C LEU C 202 19.10 33.73 -29.37
N ASN C 203 19.86 34.82 -29.29
CA ASN C 203 20.38 35.49 -30.48
C ASN C 203 21.52 34.69 -31.06
N THR C 204 21.52 34.55 -32.37
CA THR C 204 22.52 33.72 -33.00
C THR C 204 22.84 34.27 -34.39
N PRO C 205 24.03 33.94 -34.94
CA PRO C 205 24.40 34.45 -36.27
C PRO C 205 23.40 34.10 -37.35
N SER C 206 22.72 32.97 -37.23
CA SER C 206 21.79 32.56 -38.28
C SER C 206 20.33 32.92 -38.00
N GLY C 207 20.08 33.59 -36.87
CA GLY C 207 18.75 34.07 -36.57
C GLY C 207 18.40 34.01 -35.10
N LEU C 208 17.23 34.53 -34.76
CA LEU C 208 16.75 34.46 -33.40
C LEU C 208 16.20 33.07 -33.16
N VAL C 209 16.69 32.42 -32.11
CA VAL C 209 16.23 31.07 -31.80
C VAL C 209 15.21 31.16 -30.65
N PRO C 210 13.95 30.77 -30.90
CA PRO C 210 12.96 30.77 -29.83
C PRO C 210 13.11 29.52 -28.93
N ARG C 211 12.59 29.60 -27.70
CA ARG C 211 12.63 28.45 -26.75
C ARG C 211 13.95 27.65 -26.83
N PRO C 212 15.10 28.33 -26.67
CA PRO C 212 16.40 27.69 -26.89
C PRO C 212 16.68 26.52 -25.94
N ASN C 213 16.11 26.59 -24.74
CA ASN C 213 16.25 25.49 -23.79
C ASN C 213 15.27 24.32 -24.03
N HIS C 214 14.31 24.50 -24.94
CA HIS C 214 13.31 23.47 -25.24
C HIS C 214 12.88 23.47 -26.72
N GLY C 215 13.85 23.47 -27.62
CA GLY C 215 13.59 23.55 -29.04
C GLY C 215 13.91 22.23 -29.70
N ILE C 216 14.14 22.27 -31.00
CA ILE C 216 14.37 21.08 -31.79
C ILE C 216 15.64 20.31 -31.38
N ALA C 217 16.68 21.04 -30.97
CA ALA C 217 17.96 20.43 -30.57
C ALA C 217 17.73 19.46 -29.41
N HIS C 218 17.19 20.01 -28.33
CA HIS C 218 16.78 19.23 -27.18
C HIS C 218 15.88 18.05 -27.54
N THR C 219 14.86 18.34 -28.33
CA THR C 219 13.87 17.34 -28.73
C THR C 219 14.56 16.17 -29.42
N LEU C 220 15.39 16.47 -30.42
CA LEU C 220 16.10 15.44 -31.15
C LEU C 220 17.11 14.70 -30.29
N ARG C 221 17.77 15.42 -29.38
CA ARG C 221 18.78 14.78 -28.54
C ARG C 221 18.16 13.74 -27.64
N VAL C 222 17.02 14.07 -27.04
CA VAL C 222 16.37 13.14 -26.12
C VAL C 222 15.82 11.94 -26.88
N ALA C 223 15.31 12.19 -28.09
CA ALA C 223 14.89 11.11 -28.97
C ALA C 223 16.08 10.23 -29.39
N GLN C 224 17.23 10.85 -29.68
CA GLN C 224 18.43 10.13 -30.05
C GLN C 224 18.94 9.24 -28.92
N LEU C 225 18.76 9.70 -27.69
CA LEU C 225 19.31 9.02 -26.52
C LEU C 225 18.59 7.72 -26.19
N VAL C 226 17.28 7.70 -26.46
CA VAL C 226 16.42 6.56 -26.10
C VAL C 226 16.97 5.16 -26.48
N PRO C 227 17.31 4.93 -27.76
CA PRO C 227 17.72 3.55 -28.04
C PRO C 227 19.03 3.16 -27.33
N VAL C 228 19.87 4.16 -27.04
CA VAL C 228 21.14 3.92 -26.37
C VAL C 228 20.91 3.65 -24.88
N ILE C 229 20.12 4.50 -24.23
CA ILE C 229 19.70 4.21 -22.87
C ILE C 229 19.11 2.80 -22.75
N ALA C 230 18.26 2.43 -23.71
CA ALA C 230 17.62 1.12 -23.72
C ALA C 230 18.63 -0.02 -23.70
N GLU C 231 19.68 0.11 -24.52
CA GLU C 231 20.75 -0.88 -24.52
C GLU C 231 21.48 -0.98 -23.19
N PHE C 232 21.70 0.17 -22.57
CA PHE C 232 22.39 0.20 -21.29
C PHE C 232 21.57 -0.35 -20.14
N LEU C 233 20.26 -0.08 -20.14
CA LEU C 233 19.37 -0.70 -19.16
C LEU C 233 19.30 -2.22 -19.31
N LYS C 234 19.29 -2.70 -20.55
CA LYS C 234 19.18 -4.13 -20.76
C LYS C 234 20.47 -4.83 -20.36
N ALA C 235 21.59 -4.15 -20.49
CA ALA C 235 22.87 -4.74 -20.12
C ALA C 235 23.15 -4.67 -18.61
N TYR C 236 22.87 -3.52 -18.00
CA TYR C 236 23.36 -3.24 -16.65
C TYR C 236 22.32 -3.10 -15.54
N SER C 237 21.03 -3.03 -15.89
CA SER C 237 20.02 -2.78 -14.86
C SER C 237 19.87 -3.91 -13.84
N GLY C 238 20.02 -5.16 -14.30
CA GLY C 238 19.69 -6.32 -13.47
C GLY C 238 18.20 -6.31 -13.14
N ASP C 239 17.42 -5.69 -14.02
CA ASP C 239 15.99 -5.56 -13.81
C ASP C 239 15.28 -6.13 -15.02
N PRO C 240 14.60 -7.28 -14.85
CA PRO C 240 14.00 -8.03 -15.96
C PRO C 240 12.96 -7.23 -16.74
N LYS C 241 12.29 -6.31 -16.05
CA LYS C 241 11.37 -5.36 -16.65
C LYS C 241 11.92 -4.83 -17.96
N PHE C 242 13.21 -4.49 -17.95
CA PHE C 242 13.83 -3.87 -19.11
C PHE C 242 14.11 -4.83 -20.26
N GLN C 243 14.11 -6.14 -20.00
CA GLN C 243 14.16 -7.14 -21.07
C GLN C 243 12.86 -7.13 -21.89
N LYS C 244 11.93 -6.27 -21.46
CA LYS C 244 10.62 -6.08 -22.08
C LYS C 244 10.68 -4.93 -23.08
N LEU C 245 11.86 -4.35 -23.22
CA LEU C 245 12.11 -3.27 -24.16
C LEU C 245 12.57 -3.81 -25.50
N THR C 246 11.61 -4.22 -26.32
CA THR C 246 11.87 -4.69 -27.66
C THR C 246 12.17 -3.50 -28.58
N GLN C 247 12.55 -3.79 -29.81
CA GLN C 247 12.89 -2.75 -30.76
C GLN C 247 11.67 -1.88 -31.08
N LYS C 248 10.51 -2.51 -31.26
CA LYS C 248 9.28 -1.76 -31.54
C LYS C 248 8.92 -0.86 -30.36
N GLU C 249 9.17 -1.34 -29.15
CA GLU C 249 8.88 -0.55 -27.94
C GLU C 249 9.82 0.64 -27.83
N ILE C 250 11.09 0.44 -28.15
CA ILE C 250 12.08 1.50 -28.18
C ILE C 250 11.69 2.54 -29.24
N GLN C 251 11.19 2.07 -30.38
CA GLN C 251 10.81 2.96 -31.47
C GLN C 251 9.63 3.82 -31.08
N LYS C 252 8.65 3.22 -30.41
CA LYS C 252 7.51 3.97 -29.87
C LYS C 252 7.99 5.03 -28.88
N ALA C 253 8.92 4.67 -27.98
CA ALA C 253 9.41 5.60 -26.95
C ALA C 253 10.11 6.78 -27.62
N GLN C 254 10.95 6.46 -28.59
CA GLN C 254 11.69 7.44 -29.36
C GLN C 254 10.73 8.43 -30.06
N TYR C 255 9.74 7.87 -30.75
CA TYR C 255 8.71 8.65 -31.46
C TYR C 255 7.96 9.58 -30.51
N MET C 256 7.64 9.08 -29.32
CA MET C 256 6.84 9.81 -28.38
C MET C 256 7.64 10.96 -27.78
N MET C 257 8.95 10.78 -27.67
CA MET C 257 9.86 11.84 -27.17
C MET C 257 9.79 13.11 -28.01
N LEU C 258 9.56 12.94 -29.32
CA LEU C 258 9.38 14.07 -30.23
C LEU C 258 8.27 15.00 -29.79
N PHE C 259 7.30 14.47 -29.05
CA PHE C 259 6.12 15.22 -28.64
C PHE C 259 6.25 15.74 -27.22
N SER C 260 7.39 15.45 -26.60
CA SER C 260 7.57 15.62 -25.17
C SER C 260 7.66 17.07 -24.72
N VAL C 261 8.05 17.97 -25.62
CA VAL C 261 8.25 19.38 -25.26
C VAL C 261 7.32 20.38 -25.93
N ILE C 262 6.50 19.91 -26.86
CA ILE C 262 5.74 20.79 -27.76
C ILE C 262 4.68 21.68 -27.11
N GLY C 263 4.22 21.29 -25.93
CA GLY C 263 3.14 22.00 -25.29
C GLY C 263 3.58 23.25 -24.56
N ARG C 264 4.89 23.39 -24.40
CA ARG C 264 5.49 24.48 -23.63
C ARG C 264 5.22 25.87 -24.17
N GLU C 265 4.87 26.80 -23.29
CA GLU C 265 4.59 28.19 -23.68
C GLU C 265 5.53 29.17 -23.00
N ASN C 266 6.29 28.66 -22.03
CA ASN C 266 7.44 29.35 -21.48
C ASN C 266 8.40 28.29 -20.96
N ASP C 267 9.48 28.73 -20.32
CA ASP C 267 10.56 27.83 -19.94
C ASP C 267 10.58 27.57 -18.45
N MET C 268 9.45 27.80 -17.78
CA MET C 268 9.36 27.57 -16.34
C MET C 268 9.34 26.08 -16.04
N SER C 269 9.95 25.70 -14.92
CA SER C 269 9.96 24.31 -14.46
C SER C 269 8.62 23.96 -13.83
N TRP C 270 8.44 22.67 -13.52
CA TRP C 270 7.25 22.17 -12.84
C TRP C 270 7.10 22.86 -11.48
N THR C 271 8.23 23.05 -10.80
CA THR C 271 8.28 23.75 -9.51
C THR C 271 7.77 25.19 -9.62
N ASP C 272 8.24 25.89 -10.66
CA ASP C 272 7.83 27.27 -10.89
C ASP C 272 6.31 27.35 -11.03
N ALA C 273 5.75 26.39 -11.76
CA ALA C 273 4.32 26.29 -12.00
C ALA C 273 3.54 26.01 -10.70
N ASN C 274 4.08 25.14 -9.87
CA ASN C 274 3.54 24.91 -8.52
C ASN C 274 3.52 26.23 -7.76
N HIS C 275 4.64 26.94 -7.79
CA HIS C 275 4.77 28.23 -7.14
C HIS C 275 3.79 29.26 -7.71
N TYR C 276 3.61 29.23 -9.03
CA TYR C 276 2.69 30.14 -9.68
C TYR C 276 1.26 29.94 -9.20
N GLN C 277 0.82 28.68 -9.24
CA GLN C 277 -0.54 28.33 -8.89
C GLN C 277 -0.83 28.64 -7.42
N GLN C 278 0.15 28.41 -6.55
CA GLN C 278 0.02 28.67 -5.11
C GLN C 278 -0.04 30.17 -4.80
N ALA C 279 0.84 30.94 -5.44
CA ALA C 279 0.89 32.39 -5.28
C ALA C 279 -0.37 33.02 -5.82
N PHE C 280 -0.94 32.41 -6.86
CA PHE C 280 -2.19 32.86 -7.42
C PHE C 280 -3.33 32.68 -6.43
N LYS C 281 -3.26 31.62 -5.63
CA LYS C 281 -4.25 31.40 -4.58
C LYS C 281 -4.04 32.39 -3.44
N GLU C 282 -2.77 32.58 -3.06
CA GLU C 282 -2.39 33.54 -2.02
C GLU C 282 -2.69 34.99 -2.41
N ALA C 283 -2.56 35.30 -3.69
CA ALA C 283 -2.85 36.64 -4.20
C ALA C 283 -4.33 36.87 -4.42
N TYR C 284 -5.08 35.79 -4.67
CA TYR C 284 -6.51 35.89 -4.95
C TYR C 284 -7.38 35.04 -4.04
N ASN C 285 -7.11 35.14 -2.74
CA ASN C 285 -7.96 34.53 -1.71
C ASN C 285 -8.42 33.09 -1.99
N GLY C 286 -7.47 32.20 -2.28
CA GLY C 286 -7.77 30.80 -2.52
C GLY C 286 -8.35 30.43 -3.88
N GLN C 287 -8.51 31.42 -4.76
CA GLN C 287 -8.99 31.19 -6.13
C GLN C 287 -8.11 30.20 -6.88
N TYR C 288 -8.74 29.16 -7.41
CA TYR C 288 -8.02 28.15 -8.17
C TYR C 288 -7.82 28.54 -9.63
N SER C 289 -6.70 28.07 -10.18
CA SER C 289 -6.33 28.31 -11.57
C SER C 289 -5.71 27.03 -12.11
N LYS C 290 -5.88 26.81 -13.40
CA LYS C 290 -5.33 25.65 -14.09
C LYS C 290 -3.82 25.64 -13.96
N HIS C 291 -3.27 24.52 -13.50
CA HIS C 291 -1.83 24.34 -13.38
C HIS C 291 -1.21 24.53 -14.76
N ILE C 292 -0.16 25.35 -14.84
CA ILE C 292 0.44 25.72 -16.12
C ILE C 292 0.96 24.49 -16.89
N TYR C 293 1.52 23.53 -16.16
CA TYR C 293 1.96 22.27 -16.76
C TYR C 293 0.83 21.42 -17.34
N ALA C 294 -0.34 21.47 -16.69
CA ALA C 294 -1.51 20.80 -17.22
C ALA C 294 -1.87 21.39 -18.58
N THR C 295 -1.70 22.70 -18.73
CA THR C 295 -1.98 23.36 -20.01
C THR C 295 -0.97 22.91 -21.06
N PHE C 296 0.28 22.77 -20.63
CA PHE C 296 1.37 22.31 -21.46
C PHE C 296 1.12 20.89 -21.94
N LYS C 297 0.85 20.00 -20.97
CA LYS C 297 0.62 18.59 -21.27
C LYS C 297 -0.60 18.42 -22.17
N GLU C 298 -1.66 19.19 -21.91
CA GLU C 298 -2.87 19.19 -22.73
C GLU C 298 -2.57 19.62 -24.16
N ASN C 299 -1.74 20.65 -24.28
CA ASN C 299 -1.33 21.15 -25.58
C ASN C 299 -0.54 20.12 -26.34
N ALA C 300 0.38 19.43 -25.67
CA ALA C 300 1.20 18.44 -26.36
C ALA C 300 0.31 17.30 -26.82
N GLN C 301 -0.65 16.94 -25.98
CA GLN C 301 -1.63 15.90 -26.31
C GLN C 301 -2.42 16.29 -27.55
N LYS C 302 -2.92 17.52 -27.59
CA LYS C 302 -3.61 18.04 -28.80
C LYS C 302 -2.75 17.90 -30.06
N GLY C 303 -1.50 18.35 -29.98
CA GLY C 303 -0.56 18.21 -31.09
C GLY C 303 -0.47 16.77 -31.57
N PHE C 304 -0.28 15.84 -30.64
CA PHE C 304 -0.14 14.42 -30.96
C PHE C 304 -1.37 13.81 -31.63
N LEU C 305 -2.54 14.08 -31.06
CA LEU C 305 -3.80 13.61 -31.62
C LEU C 305 -4.01 14.18 -33.02
N ASN C 306 -3.56 15.41 -33.19
CA ASN C 306 -3.69 16.10 -34.46
C ASN C 306 -2.84 15.42 -35.51
N HIS C 307 -1.67 14.94 -35.09
CA HIS C 307 -0.72 14.35 -36.02
C HIS C 307 -1.16 12.97 -36.41
N VAL C 308 -1.63 12.22 -35.43
CA VAL C 308 -1.94 10.82 -35.66
C VAL C 308 -3.21 10.61 -36.49
N VAL C 309 -4.14 11.56 -36.41
CA VAL C 309 -5.44 11.45 -37.11
C VAL C 309 -5.28 11.19 -38.62
N THR C 310 -4.28 11.83 -39.23
CA THR C 310 -4.07 11.72 -40.67
C THR C 310 -2.97 10.74 -41.03
N ASN C 311 -2.31 10.18 -40.04
CA ASN C 311 -1.15 9.35 -40.29
C ASN C 311 -1.32 7.94 -39.77
N LYS C 312 -2.56 7.62 -39.38
CA LYS C 312 -2.91 6.31 -38.85
C LYS C 312 -2.48 5.14 -39.72
N SER C 313 -2.75 5.22 -41.02
CA SER C 313 -2.31 4.21 -41.98
C SER C 313 -0.82 3.99 -41.89
N SER C 314 -0.08 5.07 -41.69
CA SER C 314 1.37 4.98 -41.62
C SER C 314 1.90 4.46 -40.27
N LEU C 315 1.18 4.77 -39.19
CA LEU C 315 1.62 4.45 -37.84
C LEU C 315 1.12 3.08 -37.35
N ILE C 316 -0.05 2.69 -37.84
CA ILE C 316 -0.66 1.40 -37.50
C ILE C 316 -0.74 0.53 -38.77
N PRO C 317 -0.26 -0.73 -38.69
CA PRO C 317 0.27 -1.36 -37.48
C PRO C 317 1.78 -1.29 -37.31
N SER C 318 2.47 -0.52 -38.15
CA SER C 318 3.93 -0.52 -38.17
C SER C 318 4.63 -0.11 -36.86
N LEU C 319 4.11 0.94 -36.22
CA LEU C 319 4.68 1.46 -34.97
C LEU C 319 3.81 1.13 -33.78
N PHE C 320 2.54 1.55 -33.84
CA PHE C 320 1.56 1.20 -32.82
C PHE C 320 0.72 0.05 -33.33
N SER C 321 0.60 -1.01 -32.53
CA SER C 321 -0.05 -2.27 -32.93
C SER C 321 -1.49 -2.09 -33.41
N ASP C 322 -2.26 -1.29 -32.67
CA ASP C 322 -3.62 -0.93 -33.06
CA ASP C 322 -3.61 -0.93 -33.06
C ASP C 322 -3.99 0.38 -32.38
N GLU C 323 -5.24 0.81 -32.60
CA GLU C 323 -5.75 2.08 -32.07
C GLU C 323 -5.71 2.18 -30.55
N SER C 324 -5.88 1.06 -29.85
CA SER C 324 -5.97 1.10 -28.40
C SER C 324 -4.61 1.27 -27.73
N GLU C 325 -3.55 0.80 -28.40
CA GLU C 325 -2.19 1.07 -27.96
C GLU C 325 -1.86 2.54 -28.16
N LEU C 326 -2.22 3.07 -29.33
CA LEU C 326 -2.12 4.50 -29.63
C LEU C 326 -2.88 5.33 -28.58
N GLN C 327 -4.02 4.82 -28.15
CA GLN C 327 -4.79 5.49 -27.11
C GLN C 327 -4.02 5.57 -25.80
N TYR C 328 -3.35 4.49 -25.43
CA TYR C 328 -2.59 4.46 -24.18
C TYR C 328 -1.52 5.54 -24.15
N TRP C 329 -0.78 5.65 -25.24
CA TRP C 329 0.32 6.62 -25.33
C TRP C 329 -0.17 8.05 -25.39
N ALA C 330 -1.27 8.28 -26.13
CA ALA C 330 -1.92 9.59 -26.18
C ALA C 330 -2.32 10.03 -24.77
N GLU C 331 -2.83 9.07 -24.01
CA GLU C 331 -3.27 9.31 -22.65
C GLU C 331 -2.07 9.52 -21.74
N ALA C 332 -1.00 8.73 -21.97
CA ALA C 332 0.24 8.86 -21.19
C ALA C 332 0.87 10.24 -21.29
N LEU C 333 0.55 10.96 -22.37
CA LEU C 333 1.07 12.32 -22.58
C LEU C 333 0.57 13.32 -21.54
N ASP C 334 -0.60 13.05 -20.98
CA ASP C 334 -1.15 13.94 -19.97
C ASP C 334 -0.95 13.41 -18.56
N THR C 335 -1.78 12.46 -18.15
CA THR C 335 -1.67 11.81 -16.84
C THR C 335 -0.52 10.82 -16.81
N ILE C 340 4.45 5.79 -17.25
CA ILE C 340 5.61 6.51 -16.72
C ILE C 340 6.11 5.83 -15.45
N SER C 341 5.62 4.62 -15.26
CA SER C 341 6.04 3.72 -14.21
C SER C 341 6.17 2.36 -14.89
N SER C 342 6.48 2.41 -16.19
CA SER C 342 6.66 1.24 -17.02
C SER C 342 8.08 1.27 -17.55
N ALA C 343 8.48 0.19 -18.21
CA ALA C 343 9.76 0.15 -18.90
C ALA C 343 9.91 1.36 -19.83
N SER C 344 8.88 1.61 -20.63
CA SER C 344 8.90 2.71 -21.60
C SER C 344 8.94 4.08 -20.94
N GLY C 345 8.13 4.27 -19.90
CA GLY C 345 8.10 5.50 -19.14
C GLY C 345 9.44 5.85 -18.51
N ILE C 346 10.07 4.85 -17.90
CA ILE C 346 11.38 5.02 -17.25
C ILE C 346 12.42 5.42 -18.29
N LEU C 347 12.40 4.73 -19.41
CA LEU C 347 13.31 4.95 -20.51
C LEU C 347 13.26 6.39 -21.03
N MET C 348 12.05 6.90 -21.21
CA MET C 348 11.85 8.28 -21.65
C MET C 348 12.23 9.28 -20.57
N ALA C 349 12.00 8.90 -19.30
CA ALA C 349 12.40 9.74 -18.19
C ALA C 349 13.93 9.94 -18.13
N LEU C 350 14.68 8.88 -18.42
CA LEU C 350 16.14 8.95 -18.32
C LEU C 350 16.74 9.75 -19.48
N ALA C 351 16.07 9.72 -20.63
CA ALA C 351 16.43 10.58 -21.75
C ALA C 351 16.24 12.05 -21.37
N HIS C 352 15.09 12.40 -20.79
CA HIS C 352 14.92 13.74 -20.23
C HIS C 352 15.99 14.04 -19.18
N ASP C 353 16.15 13.13 -18.22
CA ASP C 353 17.11 13.34 -17.14
C ASP C 353 18.52 13.68 -17.62
N LEU C 354 19.03 12.91 -18.57
CA LEU C 354 20.39 13.13 -19.08
C LEU C 354 20.56 14.49 -19.76
N ASP C 355 19.57 14.91 -20.54
CA ASP C 355 19.69 16.16 -21.28
C ASP C 355 19.60 17.40 -20.39
N LEU C 356 19.18 17.22 -19.13
CA LEU C 356 19.20 18.34 -18.18
C LEU C 356 20.60 18.88 -17.84
N MET C 357 21.64 18.13 -18.21
CA MET C 357 23.01 18.64 -18.08
C MET C 357 23.20 19.94 -18.85
N ARG C 358 22.32 20.18 -19.82
CA ARG C 358 22.39 21.43 -20.58
C ARG C 358 22.01 22.63 -19.72
N CYS C 359 21.18 22.43 -18.70
CA CYS C 359 20.70 23.58 -17.90
C CYS C 359 20.78 23.46 -16.37
N TYR C 360 21.39 22.40 -15.87
CA TYR C 360 21.63 22.25 -14.44
C TYR C 360 23.14 22.39 -14.24
N ASP C 361 23.59 23.06 -13.18
CA ASP C 361 25.02 23.06 -12.85
CA ASP C 361 25.02 23.06 -12.87
C ASP C 361 25.43 21.68 -12.35
N LYS C 362 26.73 21.50 -12.09
CA LYS C 362 27.29 20.20 -11.73
C LYS C 362 26.62 19.58 -10.51
N GLY C 363 26.53 20.37 -9.43
CA GLY C 363 25.95 19.88 -8.17
C GLY C 363 24.53 19.40 -8.38
N LYS C 364 23.74 20.23 -9.05
CA LYS C 364 22.33 19.96 -9.25
C LYS C 364 22.12 18.76 -10.15
N PHE C 365 22.83 18.72 -11.28
CA PHE C 365 22.71 17.59 -12.19
C PHE C 365 23.14 16.27 -11.53
N ASN C 366 24.29 16.28 -10.87
CA ASN C 366 24.83 15.05 -10.31
C ASN C 366 23.96 14.44 -9.23
N SER C 367 23.38 15.31 -8.40
CA SER C 367 22.48 14.89 -7.34
C SER C 367 21.09 14.57 -7.86
N LEU C 368 20.51 15.49 -8.62
CA LEU C 368 19.12 15.37 -9.06
C LEU C 368 18.92 14.33 -10.15
N LYS C 369 19.94 14.04 -10.92
CA LYS C 369 19.77 13.19 -12.10
C LYS C 369 20.72 12.01 -12.19
N MET C 370 22.00 12.24 -11.97
CA MET C 370 22.96 11.15 -12.08
C MET C 370 22.78 10.03 -11.04
N LYS C 371 22.33 10.38 -9.83
CA LYS C 371 22.04 9.38 -8.77
C LYS C 371 20.99 8.39 -9.24
N ASP C 372 19.89 8.90 -9.79
CA ASP C 372 18.78 8.09 -10.30
C ASP C 372 19.15 7.23 -11.49
N LEU C 373 19.96 7.79 -12.39
CA LEU C 373 20.51 7.02 -13.50
C LEU C 373 21.47 5.93 -12.98
N VAL C 374 22.33 6.29 -12.04
CA VAL C 374 23.25 5.31 -11.46
C VAL C 374 22.47 4.15 -10.83
N ALA C 375 21.41 4.47 -10.06
CA ALA C 375 20.52 3.47 -9.47
C ALA C 375 19.90 2.53 -10.51
N ARG C 376 19.36 3.13 -11.58
CA ARG C 376 18.67 2.42 -12.63
C ARG C 376 19.55 1.40 -13.34
N LEU C 377 20.85 1.67 -13.39
CA LEU C 377 21.81 0.80 -14.03
C LEU C 377 22.51 -0.08 -12.99
N GLY C 378 21.75 -0.49 -11.97
CA GLY C 378 22.23 -1.41 -10.95
C GLY C 378 23.40 -0.90 -10.14
N GLY C 379 23.49 0.42 -10.00
CA GLY C 379 24.59 1.07 -9.27
C GLY C 379 25.87 1.10 -10.05
N ASN C 380 25.80 0.79 -11.35
CA ASN C 380 26.98 0.76 -12.20
C ASN C 380 27.36 2.17 -12.64
N GLU C 381 28.35 2.72 -11.95
CA GLU C 381 28.68 4.13 -12.07
C GLU C 381 29.30 4.42 -13.43
N ASP C 382 30.08 3.47 -13.93
CA ASP C 382 30.80 3.67 -15.16
C ASP C 382 29.97 3.48 -16.42
N ALA C 383 28.89 2.71 -16.31
CA ALA C 383 27.95 2.59 -17.43
C ALA C 383 27.22 3.91 -17.56
N ALA C 384 26.89 4.48 -16.40
CA ALA C 384 26.25 5.78 -16.30
C ALA C 384 27.11 6.90 -16.90
N LYS C 385 28.40 6.88 -16.60
CA LYS C 385 29.35 7.86 -17.11
C LYS C 385 29.43 7.79 -18.61
N LYS C 386 29.43 6.57 -19.14
CA LYS C 386 29.55 6.36 -20.57
C LYS C 386 28.28 6.93 -21.23
N LEU C 387 27.14 6.68 -20.62
CA LEU C 387 25.87 7.19 -21.12
C LEU C 387 25.83 8.72 -21.08
N ALA C 388 26.25 9.30 -19.95
CA ALA C 388 26.32 10.75 -19.82
C ALA C 388 27.35 11.40 -20.77
N ASP C 389 28.44 10.68 -21.05
CA ASP C 389 29.47 11.15 -22.00
C ASP C 389 28.85 11.34 -23.37
N TYR C 390 28.00 10.38 -23.76
CA TYR C 390 27.33 10.41 -25.06
C TYR C 390 26.35 11.57 -25.16
N ALA C 391 25.47 11.71 -24.15
CA ALA C 391 24.56 12.86 -24.07
C ALA C 391 25.31 14.21 -24.14
N HIS C 392 26.40 14.31 -23.39
CA HIS C 392 27.27 15.49 -23.44
C HIS C 392 27.79 15.75 -24.86
N ASP C 393 28.27 14.69 -25.52
CA ASP C 393 28.76 14.79 -26.88
C ASP C 393 27.67 15.17 -27.89
N LEU C 394 26.43 14.72 -27.65
CA LEU C 394 25.31 15.13 -28.51
C LEU C 394 25.04 16.61 -28.32
N ILE C 395 25.16 17.08 -27.09
CA ILE C 395 25.00 18.50 -26.74
C ILE C 395 26.03 19.38 -27.43
N VAL C 396 27.30 18.97 -27.33
CA VAL C 396 28.40 19.69 -27.96
C VAL C 396 28.23 19.65 -29.49
N ALA C 397 27.76 18.52 -30.00
CA ALA C 397 27.58 18.38 -31.45
C ALA C 397 26.52 19.34 -32.01
N THR C 398 25.60 19.78 -31.15
CA THR C 398 24.54 20.70 -31.58
C THR C 398 24.82 22.15 -31.15
N GLY C 399 25.98 22.38 -30.54
CA GLY C 399 26.41 23.73 -30.16
C GLY C 399 25.67 24.24 -28.93
N ASP C 400 24.96 23.33 -28.26
CA ASP C 400 24.21 23.68 -27.07
C ASP C 400 25.15 23.96 -25.91
N ARG C 401 24.66 24.68 -24.91
CA ARG C 401 25.41 24.81 -23.68
C ARG C 401 25.32 23.53 -22.87
N CYS C 402 26.41 23.24 -22.16
CA CYS C 402 26.46 22.13 -21.23
C CYS C 402 26.91 22.69 -19.88
N MET C 403 26.07 22.53 -18.87
CA MET C 403 26.33 23.09 -17.54
C MET C 403 26.57 22.02 -16.49
N GLY C 404 26.02 20.82 -16.70
CA GLY C 404 25.92 19.83 -15.62
C GLY C 404 26.91 18.70 -15.59
N TYR C 405 27.66 18.48 -16.67
CA TYR C 405 28.50 17.31 -16.78
C TYR C 405 29.64 17.51 -17.77
N GLY C 406 30.76 16.82 -17.54
CA GLY C 406 31.89 16.77 -18.49
C GLY C 406 32.57 18.12 -18.70
N VAL C 407 33.18 18.29 -19.86
CA VAL C 407 33.73 19.58 -20.27
C VAL C 407 32.55 20.51 -20.56
N THR C 408 32.29 21.41 -19.63
CA THR C 408 31.18 22.32 -19.79
C THR C 408 31.50 23.37 -20.85
N GLN C 409 30.45 24.00 -21.36
CA GLN C 409 30.62 25.03 -22.38
C GLN C 409 29.39 25.90 -22.41
N ASP C 410 29.57 27.15 -22.81
CA ASP C 410 28.49 28.03 -23.19
CA ASP C 410 28.41 27.95 -23.16
C ASP C 410 28.01 27.64 -24.60
N TYR C 411 26.96 28.30 -25.06
CA TYR C 411 26.47 28.13 -26.42
C TYR C 411 27.56 28.39 -27.41
N ASN C 412 27.67 27.48 -28.38
CA ASN C 412 28.37 27.76 -29.58
C ASN C 412 27.32 28.34 -30.52
N TYR C 413 27.25 29.67 -30.54
CA TYR C 413 26.14 30.36 -31.20
C TYR C 413 25.99 29.97 -32.68
N SER C 414 27.13 29.86 -33.35
CA SER C 414 27.16 29.56 -34.77
C SER C 414 26.56 28.18 -35.06
N LEU C 415 27.09 27.18 -34.37
CA LEU C 415 26.60 25.81 -34.49
C LEU C 415 25.18 25.64 -33.95
N PHE C 416 24.91 26.22 -32.78
CA PHE C 416 23.58 26.11 -32.16
C PHE C 416 22.51 26.81 -33.00
N GLY C 417 22.88 27.90 -33.67
CA GLY C 417 21.96 28.55 -34.61
C GLY C 417 21.62 27.66 -35.79
N LYS C 418 22.64 27.05 -36.38
CA LYS C 418 22.44 26.11 -37.50
C LYS C 418 21.61 24.89 -37.12
N CYS C 419 21.80 24.35 -35.91
CA CYS C 419 21.08 23.15 -35.52
C CYS C 419 19.67 23.49 -35.13
N SER C 420 19.50 24.61 -34.43
CA SER C 420 18.20 25.00 -33.87
C SER C 420 17.26 25.50 -34.94
N LEU C 421 17.78 25.92 -36.07
CA LEU C 421 16.91 26.50 -37.10
C LEU C 421 16.75 25.59 -38.30
N ASP C 422 17.40 24.43 -38.24
CA ASP C 422 17.37 23.47 -39.33
C ASP C 422 17.38 22.08 -38.73
N PRO C 423 16.19 21.49 -38.54
CA PRO C 423 16.05 20.16 -37.94
C PRO C 423 16.92 19.12 -38.63
N ASN C 424 17.02 19.23 -39.95
CA ASN C 424 17.88 18.39 -40.77
C ASN C 424 19.34 18.48 -40.40
N GLU C 425 19.83 19.71 -40.22
CA GLU C 425 21.21 19.95 -39.87
C GLU C 425 21.46 19.41 -38.48
N CYS C 426 20.52 19.66 -37.57
CA CYS C 426 20.60 19.08 -36.23
C CYS C 426 20.78 17.56 -36.25
N LEU C 427 19.97 16.85 -37.03
CA LEU C 427 20.08 15.39 -37.13
C LEU C 427 21.43 14.95 -37.66
N LYS C 428 21.91 15.61 -38.71
CA LYS C 428 23.25 15.37 -39.24
C LYS C 428 24.25 15.33 -38.09
N GLN C 429 24.24 16.40 -37.30
CA GLN C 429 25.21 16.64 -36.24
C GLN C 429 25.14 15.56 -35.18
N LEU C 430 23.93 15.18 -34.81
CA LEU C 430 23.73 14.07 -33.88
C LEU C 430 24.27 12.73 -34.40
N GLN C 431 24.11 12.50 -35.71
CA GLN C 431 24.65 11.30 -36.36
C GLN C 431 26.16 11.21 -36.25
N SER C 432 26.82 12.36 -36.12
CA SER C 432 28.27 12.39 -36.17
C SER C 432 28.91 11.78 -34.92
N ILE C 433 28.12 11.54 -33.87
CA ILE C 433 28.66 11.00 -32.64
C ILE C 433 28.49 9.50 -32.59
N PRO C 434 29.61 8.75 -32.50
CA PRO C 434 29.53 7.29 -32.39
C PRO C 434 28.75 6.87 -31.14
N LYS C 435 27.86 5.89 -31.27
CA LYS C 435 27.16 5.33 -30.11
C LYS C 435 28.15 4.52 -29.26
N PRO C 436 28.10 4.66 -27.92
CA PRO C 436 28.92 3.82 -27.05
C PRO C 436 28.46 2.37 -27.09
N GLU C 437 29.38 1.42 -27.02
CA GLU C 437 28.94 0.03 -27.03
C GLU C 437 28.79 -0.50 -25.63
N THR C 438 27.90 -1.47 -25.50
CA THR C 438 27.64 -2.13 -24.25
C THR C 438 28.55 -3.36 -24.15
N THR C 439 28.75 -4.01 -25.29
CA THR C 439 29.58 -5.22 -25.42
C THR C 439 29.86 -5.52 -26.89
N ASP D 146 -23.09 -9.04 35.70
CA ASP D 146 -24.20 -9.16 36.67
C ASP D 146 -24.51 -10.64 36.89
N TYR D 147 -24.92 -11.35 35.84
CA TYR D 147 -25.29 -12.76 35.97
C TYR D 147 -24.08 -13.67 36.23
N LEU D 148 -22.87 -13.16 35.95
CA LEU D 148 -21.65 -13.86 36.31
C LEU D 148 -21.49 -13.95 37.84
N LEU D 149 -22.24 -13.14 38.57
CA LEU D 149 -22.23 -13.16 40.02
C LEU D 149 -23.44 -13.92 40.60
N SER D 150 -24.34 -14.36 39.72
CA SER D 150 -25.47 -15.19 40.15
C SER D 150 -25.01 -16.56 40.67
N ALA D 151 -25.91 -17.27 41.33
CA ALA D 151 -25.62 -18.61 41.82
C ALA D 151 -25.27 -19.52 40.66
N ASN D 152 -26.11 -19.54 39.62
CA ASN D 152 -25.85 -20.37 38.44
C ASN D 152 -24.55 -19.98 37.74
N GLY D 153 -24.32 -18.67 37.65
CA GLY D 153 -23.13 -18.16 36.99
C GLY D 153 -21.86 -18.65 37.65
N SER D 154 -21.76 -18.42 38.95
CA SER D 154 -20.59 -18.78 39.74
C SER D 154 -20.33 -20.28 39.77
N LYS D 155 -21.39 -21.07 39.90
CA LYS D 155 -21.27 -22.53 39.81
C LYS D 155 -20.77 -22.95 38.44
N ALA D 156 -21.32 -22.32 37.40
CA ALA D 156 -20.85 -22.54 36.05
C ALA D 156 -19.35 -22.19 35.93
N ILE D 157 -18.96 -21.04 36.49
CA ILE D 157 -17.57 -20.57 36.45
C ILE D 157 -16.64 -21.57 37.15
N ASP D 158 -17.01 -21.93 38.38
CA ASP D 158 -16.33 -22.94 39.17
C ASP D 158 -16.11 -24.21 38.37
N PHE D 159 -17.17 -24.66 37.70
CA PHE D 159 -17.16 -25.95 37.03
C PHE D 159 -16.18 -25.94 35.87
N VAL D 160 -16.32 -24.96 34.97
CA VAL D 160 -15.47 -24.88 33.78
C VAL D 160 -13.98 -24.64 34.13
N TRP D 161 -13.74 -23.86 35.18
CA TRP D 161 -12.39 -23.63 35.65
C TRP D 161 -11.77 -24.94 36.17
N SER D 162 -12.48 -25.56 37.12
CA SER D 162 -11.95 -26.71 37.83
C SER D 162 -11.81 -27.95 36.95
N ASN D 163 -12.76 -28.10 36.04
CA ASN D 163 -12.87 -29.31 35.26
C ASN D 163 -12.12 -29.26 33.94
N PHE D 164 -11.77 -28.06 33.49
CA PHE D 164 -11.29 -27.86 32.11
C PHE D 164 -10.19 -26.82 32.00
N LEU D 165 -10.55 -25.58 32.36
CA LEU D 165 -9.68 -24.44 32.02
C LEU D 165 -8.35 -24.33 32.76
N LYS D 166 -8.27 -24.89 33.97
CA LYS D 166 -7.03 -24.83 34.74
C LYS D 166 -6.04 -25.90 34.30
N HIS D 167 -6.43 -26.76 33.38
CA HIS D 167 -5.60 -27.89 33.00
C HIS D 167 -4.74 -27.60 31.80
N PRO D 168 -3.54 -28.23 31.75
CA PRO D 168 -2.71 -28.12 30.56
C PRO D 168 -3.37 -28.77 29.35
N TYR D 169 -2.92 -28.35 28.17
CA TYR D 169 -3.36 -28.90 26.93
C TYR D 169 -2.90 -30.36 26.83
N ASN D 170 -3.41 -31.10 25.84
CA ASN D 170 -3.04 -32.51 25.63
C ASN D 170 -1.78 -32.67 24.80
N PRO D 171 -0.69 -33.22 25.40
CA PRO D 171 0.58 -33.45 24.68
C PRO D 171 0.41 -34.26 23.40
N LYS D 172 -0.60 -35.12 23.35
CA LYS D 172 -0.92 -35.88 22.13
C LYS D 172 -1.34 -34.98 20.97
N LEU D 173 -1.76 -33.74 21.26
CA LEU D 173 -2.14 -32.81 20.21
C LEU D 173 -1.20 -31.60 20.04
N LYS D 174 0.04 -31.74 20.47
CA LYS D 174 1.01 -30.66 20.37
C LYS D 174 1.50 -30.49 18.93
N GLN D 175 1.45 -31.57 18.16
CA GLN D 175 1.95 -31.62 16.78
C GLN D 175 1.43 -32.87 16.10
N PRO D 176 1.46 -32.92 14.75
CA PRO D 176 1.10 -34.18 14.08
C PRO D 176 2.29 -35.15 14.01
N ASP D 177 2.00 -36.41 13.69
CA ASP D 177 3.06 -37.41 13.50
C ASP D 177 3.80 -37.13 12.18
N ALA D 178 4.89 -37.87 11.94
CA ALA D 178 5.77 -37.68 10.78
C ALA D 178 5.04 -37.72 9.41
N ASN D 179 4.19 -38.73 9.23
CA ASN D 179 3.42 -38.86 7.98
C ASN D 179 2.53 -37.65 7.71
N VAL D 180 1.86 -37.17 8.77
CA VAL D 180 0.98 -36.00 8.66
C VAL D 180 1.79 -34.72 8.40
N LYS D 181 2.94 -34.59 9.07
CA LYS D 181 3.84 -33.46 8.85
C LYS D 181 4.25 -33.30 7.38
N ALA D 182 4.68 -34.40 6.76
CA ALA D 182 5.14 -34.39 5.37
C ALA D 182 4.08 -33.81 4.44
N ALA D 183 2.83 -34.18 4.67
CA ALA D 183 1.72 -33.74 3.86
C ALA D 183 1.42 -32.26 4.09
N TRP D 184 1.60 -31.80 5.33
CA TRP D 184 1.38 -30.40 5.71
C TRP D 184 2.36 -29.45 5.00
N GLU D 185 3.67 -29.66 5.20
CA GLU D 185 4.67 -28.72 4.65
C GLU D 185 4.68 -28.64 3.12
N LYS D 186 3.94 -29.51 2.45
CA LYS D 186 3.76 -29.42 1.00
C LYS D 186 3.03 -28.15 0.57
N HIS D 187 2.12 -27.66 1.42
CA HIS D 187 1.28 -26.53 1.08
C HIS D 187 1.86 -25.24 1.63
N ALA D 188 2.45 -24.44 0.75
CA ALA D 188 3.16 -23.22 1.13
C ALA D 188 2.25 -22.07 1.56
N ASP D 189 0.96 -22.15 1.23
CA ASP D 189 0.02 -21.14 1.71
C ASP D 189 -0.46 -21.44 3.15
N TRP D 190 -0.28 -22.69 3.57
CA TRP D 190 -0.71 -23.14 4.89
C TRP D 190 0.22 -22.67 5.99
N GLU D 191 -0.35 -22.10 7.05
CA GLU D 191 0.41 -21.81 8.25
C GLU D 191 1.01 -23.13 8.76
N HIS D 192 2.25 -23.09 9.23
CA HIS D 192 3.00 -24.33 9.54
C HIS D 192 2.39 -25.10 10.72
N TRP D 193 2.59 -26.43 10.73
CA TRP D 193 2.01 -27.31 11.75
C TRP D 193 2.34 -26.90 13.19
N SER D 194 3.35 -26.04 13.35
CA SER D 194 3.80 -25.59 14.67
C SER D 194 2.69 -24.81 15.38
N ASN D 195 1.67 -24.43 14.62
CA ASN D 195 0.43 -23.86 15.16
C ASN D 195 -0.28 -24.75 16.18
N MET D 196 0.00 -26.05 16.12
CA MET D 196 -0.61 -26.99 17.04
C MET D 196 -0.05 -26.80 18.45
N GLY D 197 1.18 -26.29 18.55
CA GLY D 197 1.91 -26.25 19.80
C GLY D 197 2.19 -24.85 20.30
N GLN D 198 1.72 -23.86 19.55
CA GLN D 198 1.80 -22.46 19.95
C GLN D 198 0.93 -22.18 21.18
N ASP D 199 1.30 -21.14 21.93
CA ASP D 199 0.54 -20.69 23.12
C ASP D 199 0.16 -21.86 24.02
N TRP D 200 1.11 -22.77 24.22
CA TRP D 200 0.88 -23.96 25.04
C TRP D 200 0.68 -23.54 26.48
N SER D 201 1.57 -22.68 26.95
CA SER D 201 1.54 -22.21 28.33
C SER D 201 2.31 -20.89 28.42
N LEU D 202 2.05 -20.13 29.47
CA LEU D 202 2.80 -18.91 29.72
C LEU D 202 3.41 -18.87 31.12
N ASN D 203 4.71 -18.60 31.19
CA ASN D 203 5.41 -18.42 32.48
C ASN D 203 5.07 -17.04 33.03
N THR D 204 4.86 -16.98 34.35
CA THR D 204 4.19 -15.88 35.04
C THR D 204 4.74 -15.88 36.48
N PRO D 205 4.83 -14.71 37.15
CA PRO D 205 5.38 -14.72 38.52
C PRO D 205 4.58 -15.55 39.50
N SER D 206 3.27 -15.70 39.27
CA SER D 206 2.45 -16.45 40.20
C SER D 206 2.20 -17.92 39.80
N GLY D 207 2.86 -18.37 38.72
CA GLY D 207 2.80 -19.77 38.31
C GLY D 207 2.74 -19.94 36.80
N LEU D 208 2.81 -21.17 36.35
CA LEU D 208 2.69 -21.46 34.93
C LEU D 208 1.23 -21.45 34.58
N VAL D 209 0.86 -20.70 33.56
CA VAL D 209 -0.50 -20.57 33.16
C VAL D 209 -0.68 -21.45 31.93
N PRO D 210 -1.60 -22.43 32.00
CA PRO D 210 -1.79 -23.27 30.83
C PRO D 210 -2.78 -22.63 29.87
N ARG D 211 -2.79 -23.06 28.62
CA ARG D 211 -3.71 -22.53 27.61
C ARG D 211 -3.95 -21.01 27.76
N PRO D 212 -2.87 -20.22 27.76
CA PRO D 212 -3.02 -18.79 28.10
C PRO D 212 -3.88 -18.01 27.10
N ASN D 213 -4.02 -18.53 25.89
CA ASN D 213 -4.81 -17.90 24.86
C ASN D 213 -6.28 -18.34 24.89
N HIS D 214 -6.57 -19.37 25.69
CA HIS D 214 -7.93 -19.93 25.83
C HIS D 214 -8.22 -20.44 27.26
N GLY D 215 -7.95 -19.62 28.26
CA GLY D 215 -8.09 -20.00 29.65
C GLY D 215 -9.23 -19.23 30.27
N ILE D 216 -9.15 -19.06 31.58
CA ILE D 216 -10.21 -18.38 32.34
C ILE D 216 -10.35 -16.88 32.02
N ALA D 217 -9.26 -16.16 31.79
CA ALA D 217 -9.36 -14.74 31.46
C ALA D 217 -10.21 -14.52 30.19
N HIS D 218 -9.83 -15.21 29.11
CA HIS D 218 -10.56 -15.18 27.83
C HIS D 218 -12.04 -15.57 28.01
N THR D 219 -12.28 -16.72 28.64
CA THR D 219 -13.64 -17.19 28.91
C THR D 219 -14.49 -16.12 29.63
N LEU D 220 -13.97 -15.56 30.71
CA LEU D 220 -14.72 -14.58 31.50
C LEU D 220 -14.97 -13.29 30.72
N ARG D 221 -13.99 -12.91 29.89
CA ARG D 221 -14.12 -11.76 29.03
C ARG D 221 -15.23 -11.86 27.99
N VAL D 222 -15.24 -12.94 27.20
CA VAL D 222 -16.30 -13.13 26.19
C VAL D 222 -17.69 -13.19 26.83
N ALA D 223 -17.78 -13.80 28.01
CA ALA D 223 -19.02 -13.83 28.76
C ALA D 223 -19.41 -12.43 29.25
N GLN D 224 -18.42 -11.67 29.69
CA GLN D 224 -18.63 -10.28 30.11
C GLN D 224 -19.13 -9.41 28.98
N LEU D 225 -18.65 -9.69 27.78
CA LEU D 225 -18.96 -8.86 26.64
C LEU D 225 -20.40 -9.00 26.17
N VAL D 226 -20.98 -10.16 26.43
CA VAL D 226 -22.30 -10.50 25.88
C VAL D 226 -23.38 -9.46 26.17
N PRO D 227 -23.59 -9.10 27.45
CA PRO D 227 -24.66 -8.13 27.67
C PRO D 227 -24.39 -6.77 27.03
N VAL D 228 -23.14 -6.37 26.94
CA VAL D 228 -22.82 -5.07 26.38
C VAL D 228 -23.02 -5.11 24.86
N ILE D 229 -22.62 -6.21 24.22
CA ILE D 229 -22.86 -6.36 22.79
C ILE D 229 -24.36 -6.28 22.51
N ALA D 230 -25.14 -6.98 23.32
CA ALA D 230 -26.59 -7.04 23.16
C ALA D 230 -27.21 -5.63 23.17
N GLU D 231 -26.78 -4.81 24.13
CA GLU D 231 -27.17 -3.40 24.21
C GLU D 231 -26.89 -2.65 22.93
N PHE D 232 -25.72 -2.90 22.36
CA PHE D 232 -25.35 -2.16 21.20
C PHE D 232 -26.09 -2.62 19.96
N LEU D 233 -26.38 -3.91 19.90
CA LEU D 233 -27.22 -4.47 18.84
C LEU D 233 -28.63 -3.88 18.88
N LYS D 234 -29.17 -3.75 20.09
CA LYS D 234 -30.53 -3.22 20.20
C LYS D 234 -30.57 -1.75 19.84
N ALA D 235 -29.54 -1.01 20.24
CA ALA D 235 -29.49 0.43 19.99
C ALA D 235 -29.18 0.76 18.54
N TYR D 236 -28.26 0.01 17.93
CA TYR D 236 -27.68 0.44 16.67
C TYR D 236 -27.88 -0.47 15.48
N SER D 237 -28.36 -1.70 15.68
CA SER D 237 -28.51 -2.63 14.55
C SER D 237 -29.59 -2.18 13.54
N GLY D 238 -30.69 -1.62 14.02
CA GLY D 238 -31.84 -1.35 13.16
C GLY D 238 -32.41 -2.65 12.61
N ASP D 239 -32.17 -3.74 13.34
CA ASP D 239 -32.61 -5.08 12.99
C ASP D 239 -33.53 -5.57 14.12
N PRO D 240 -34.84 -5.73 13.82
CA PRO D 240 -35.85 -6.10 14.82
C PRO D 240 -35.54 -7.39 15.56
N LYS D 241 -34.81 -8.27 14.89
CA LYS D 241 -34.31 -9.51 15.47
C LYS D 241 -33.74 -9.29 16.86
N PHE D 242 -32.89 -8.27 16.99
CA PHE D 242 -32.18 -7.99 18.23
C PHE D 242 -32.95 -7.21 19.27
N GLN D 243 -33.96 -6.46 18.83
CA GLN D 243 -34.87 -5.80 19.74
C GLN D 243 -35.89 -6.81 20.24
N LYS D 244 -35.42 -8.04 20.44
CA LYS D 244 -36.18 -9.14 21.03
C LYS D 244 -35.32 -9.86 22.07
N LEU D 245 -34.02 -9.57 22.06
CA LEU D 245 -33.08 -10.14 23.04
C LEU D 245 -33.43 -9.67 24.44
N THR D 246 -34.27 -10.46 25.11
CA THR D 246 -34.66 -10.19 26.48
C THR D 246 -33.48 -10.45 27.42
N GLN D 247 -33.63 -10.04 28.67
CA GLN D 247 -32.61 -10.26 29.67
C GLN D 247 -32.30 -11.75 29.80
N LYS D 248 -33.35 -12.58 29.78
CA LYS D 248 -33.20 -14.02 29.95
C LYS D 248 -32.41 -14.63 28.79
N GLU D 249 -32.70 -14.20 27.56
CA GLU D 249 -31.98 -14.74 26.41
CA GLU D 249 -31.98 -14.68 26.38
C GLU D 249 -30.52 -14.29 26.48
N ILE D 250 -30.29 -13.11 27.06
CA ILE D 250 -28.96 -12.53 27.24
C ILE D 250 -28.18 -13.30 28.31
N GLN D 251 -28.81 -13.54 29.45
CA GLN D 251 -28.20 -14.33 30.52
C GLN D 251 -27.85 -15.73 30.06
N LYS D 252 -28.74 -16.33 29.27
CA LYS D 252 -28.51 -17.63 28.63
C LYS D 252 -27.26 -17.65 27.78
N ALA D 253 -27.17 -16.70 26.85
CA ALA D 253 -26.01 -16.60 25.97
C ALA D 253 -24.73 -16.43 26.80
N GLN D 254 -24.81 -15.58 27.83
CA GLN D 254 -23.69 -15.32 28.74
C GLN D 254 -23.21 -16.60 29.42
N TYR D 255 -24.17 -17.30 30.02
CA TYR D 255 -23.96 -18.62 30.62
C TYR D 255 -23.29 -19.61 29.66
N MET D 256 -23.79 -19.65 28.42
CA MET D 256 -23.30 -20.63 27.46
C MET D 256 -21.87 -20.33 27.00
N MET D 257 -21.48 -19.06 27.06
CA MET D 257 -20.15 -18.63 26.65
C MET D 257 -19.08 -19.27 27.54
N LEU D 258 -19.45 -19.47 28.81
CA LEU D 258 -18.62 -20.12 29.80
C LEU D 258 -18.15 -21.48 29.34
N PHE D 259 -18.96 -22.13 28.51
CA PHE D 259 -18.66 -23.49 28.02
C PHE D 259 -18.06 -23.52 26.63
N SER D 260 -17.89 -22.34 26.03
CA SER D 260 -17.53 -22.24 24.62
C SER D 260 -16.10 -22.64 24.33
N VAL D 261 -15.23 -22.65 25.34
CA VAL D 261 -13.81 -22.95 25.09
C VAL D 261 -13.23 -24.15 25.83
N ILE D 262 -14.04 -24.81 26.64
CA ILE D 262 -13.56 -25.86 27.53
C ILE D 262 -13.16 -27.17 26.84
N GLY D 263 -13.60 -27.34 25.59
CA GLY D 263 -13.33 -28.56 24.84
C GLY D 263 -11.91 -28.66 24.28
N ARG D 264 -11.20 -27.53 24.25
CA ARG D 264 -9.90 -27.45 23.58
C ARG D 264 -8.81 -28.29 24.20
N GLU D 265 -8.03 -28.95 23.36
CA GLU D 265 -6.91 -29.77 23.82
C GLU D 265 -5.57 -29.21 23.31
N ASN D 266 -5.64 -28.26 22.39
CA ASN D 266 -4.51 -27.42 21.97
C ASN D 266 -5.02 -26.05 21.47
N ASP D 267 -4.12 -25.19 21.02
CA ASP D 267 -4.45 -23.82 20.62
C ASP D 267 -4.58 -23.60 19.11
N MET D 268 -4.77 -24.69 18.38
CA MET D 268 -4.86 -24.61 16.92
C MET D 268 -6.18 -23.98 16.48
N SER D 269 -6.12 -23.25 15.38
CA SER D 269 -7.31 -22.63 14.82
C SER D 269 -8.15 -23.66 14.05
N TRP D 270 -9.35 -23.24 13.65
CA TRP D 270 -10.23 -24.07 12.83
C TRP D 270 -9.59 -24.41 11.49
N THR D 271 -8.85 -23.45 10.95
CA THR D 271 -8.14 -23.64 9.69
C THR D 271 -7.00 -24.66 9.84
N ASP D 272 -6.21 -24.53 10.91
CA ASP D 272 -5.18 -25.53 11.25
C ASP D 272 -5.78 -26.94 11.32
N ALA D 273 -6.96 -27.06 11.94
CA ALA D 273 -7.66 -28.34 12.03
C ALA D 273 -8.14 -28.88 10.68
N ASN D 274 -8.64 -27.98 9.82
CA ASN D 274 -8.95 -28.32 8.42
C ASN D 274 -7.71 -28.89 7.75
N HIS D 275 -6.60 -28.17 7.90
CA HIS D 275 -5.29 -28.55 7.37
C HIS D 275 -4.81 -29.93 7.88
N TYR D 276 -4.96 -30.19 9.17
CA TYR D 276 -4.58 -31.48 9.75
C TYR D 276 -5.37 -32.62 9.11
N GLN D 277 -6.69 -32.43 9.02
CA GLN D 277 -7.59 -33.40 8.40
C GLN D 277 -7.29 -33.61 6.91
N GLN D 278 -7.02 -32.53 6.19
CA GLN D 278 -6.68 -32.62 4.76
C GLN D 278 -5.34 -33.33 4.53
N ALA D 279 -4.40 -33.11 5.46
CA ALA D 279 -3.07 -33.73 5.43
C ALA D 279 -3.05 -35.17 5.98
N PHE D 280 -4.04 -35.51 6.79
CA PHE D 280 -4.22 -36.89 7.23
C PHE D 280 -4.74 -37.72 6.06
N LYS D 281 -5.66 -37.15 5.29
CA LYS D 281 -6.19 -37.77 4.06
C LYS D 281 -5.08 -37.92 3.03
N GLU D 282 -4.31 -36.84 2.88
CA GLU D 282 -3.19 -36.76 1.96
C GLU D 282 -2.11 -37.80 2.24
N ALA D 283 -1.94 -38.17 3.51
CA ALA D 283 -0.85 -39.08 3.90
C ALA D 283 -1.27 -40.55 4.03
N TYR D 284 -2.56 -40.85 3.86
CA TYR D 284 -3.05 -42.23 3.99
C TYR D 284 -4.15 -42.68 3.02
N ASN D 285 -4.05 -42.22 1.76
CA ASN D 285 -5.09 -42.43 0.72
C ASN D 285 -6.53 -42.27 1.18
N GLY D 286 -6.85 -41.07 1.67
CA GLY D 286 -8.20 -40.73 2.09
C GLY D 286 -8.69 -41.44 3.33
N GLN D 287 -7.77 -42.01 4.11
CA GLN D 287 -8.14 -42.60 5.39
C GLN D 287 -8.70 -41.47 6.24
N TYR D 288 -9.98 -41.59 6.57
CA TYR D 288 -10.71 -40.55 7.31
C TYR D 288 -10.34 -40.58 8.80
N SER D 289 -10.14 -39.40 9.36
CA SER D 289 -10.01 -39.22 10.80
C SER D 289 -10.86 -38.03 11.23
N LYS D 290 -11.25 -38.05 12.50
CA LYS D 290 -12.19 -37.09 13.06
C LYS D 290 -11.63 -35.66 13.03
N HIS D 291 -12.44 -34.70 12.57
CA HIS D 291 -12.07 -33.29 12.63
C HIS D 291 -11.80 -32.94 14.10
N ILE D 292 -10.64 -32.33 14.37
CA ILE D 292 -10.20 -32.08 15.75
C ILE D 292 -11.17 -31.15 16.50
N TYR D 293 -11.63 -30.13 15.80
CA TYR D 293 -12.63 -29.22 16.33
C TYR D 293 -13.94 -29.92 16.64
N ALA D 294 -14.24 -31.00 15.93
CA ALA D 294 -15.45 -31.76 16.21
C ALA D 294 -15.27 -32.44 17.55
N THR D 295 -14.07 -32.96 17.80
CA THR D 295 -13.73 -33.55 19.10
C THR D 295 -13.79 -32.49 20.22
N PHE D 296 -13.33 -31.28 19.92
CA PHE D 296 -13.38 -30.16 20.87
C PHE D 296 -14.81 -29.85 21.26
N LYS D 297 -15.67 -29.73 20.24
CA LYS D 297 -17.08 -29.41 20.47
C LYS D 297 -17.77 -30.49 21.29
N GLU D 298 -17.44 -31.76 21.00
CA GLU D 298 -17.92 -32.90 21.79
C GLU D 298 -17.48 -32.86 23.25
N ASN D 299 -16.20 -32.56 23.52
CA ASN D 299 -15.75 -32.44 24.90
C ASN D 299 -16.50 -31.32 25.63
N ALA D 300 -16.77 -30.23 24.91
CA ALA D 300 -17.43 -29.09 25.50
C ALA D 300 -18.89 -29.45 25.80
N GLN D 301 -19.52 -30.14 24.84
CA GLN D 301 -20.88 -30.66 25.01
C GLN D 301 -20.93 -31.64 26.18
N LYS D 302 -19.99 -32.56 26.23
CA LYS D 302 -19.83 -33.46 27.38
C LYS D 302 -19.74 -32.71 28.72
N GLY D 303 -18.86 -31.70 28.80
CA GLY D 303 -18.72 -30.90 30.01
C GLY D 303 -20.05 -30.32 30.47
N PHE D 304 -20.73 -29.69 29.52
CA PHE D 304 -22.00 -29.03 29.74
C PHE D 304 -23.09 -30.00 30.24
N LEU D 305 -23.20 -31.16 29.57
CA LEU D 305 -24.16 -32.18 29.99
C LEU D 305 -23.86 -32.70 31.38
N ASN D 306 -22.56 -32.89 31.65
CA ASN D 306 -22.13 -33.27 33.00
C ASN D 306 -22.52 -32.28 34.08
N HIS D 307 -22.46 -30.99 33.75
CA HIS D 307 -22.76 -29.98 34.75
C HIS D 307 -24.26 -29.80 34.96
N VAL D 308 -25.05 -29.83 33.88
CA VAL D 308 -26.49 -29.55 34.01
C VAL D 308 -27.25 -30.69 34.68
N VAL D 309 -26.71 -31.90 34.53
CA VAL D 309 -27.37 -33.11 35.02
C VAL D 309 -27.69 -33.03 36.51
N THR D 310 -26.83 -32.36 37.29
CA THR D 310 -27.03 -32.21 38.72
C THR D 310 -27.62 -30.85 39.13
N ASN D 311 -27.89 -29.97 38.18
CA ASN D 311 -28.23 -28.59 38.50
C ASN D 311 -29.55 -28.15 37.88
N LYS D 312 -30.35 -29.12 37.46
CA LYS D 312 -31.59 -28.82 36.75
C LYS D 312 -32.58 -27.97 37.53
N SER D 313 -32.74 -28.26 38.81
CA SER D 313 -33.66 -27.46 39.63
C SER D 313 -33.19 -26.02 39.73
N SER D 314 -31.86 -25.82 39.76
CA SER D 314 -31.28 -24.47 39.77
C SER D 314 -31.37 -23.70 38.44
N LEU D 315 -31.28 -24.42 37.32
CA LEU D 315 -31.24 -23.79 35.99
C LEU D 315 -32.62 -23.62 35.38
N ILE D 316 -33.52 -24.55 35.73
CA ILE D 316 -34.87 -24.60 35.21
C ILE D 316 -35.85 -24.36 36.35
N PRO D 317 -36.74 -23.34 36.23
CA PRO D 317 -36.97 -22.52 35.04
C PRO D 317 -36.25 -21.17 35.02
N SER D 318 -35.46 -20.87 36.06
CA SER D 318 -34.85 -19.54 36.22
C SER D 318 -34.00 -19.07 35.03
N LEU D 319 -33.25 -19.98 34.43
CA LEU D 319 -32.38 -19.63 33.33
C LEU D 319 -32.88 -20.25 32.03
N PHE D 320 -33.07 -21.56 32.03
CA PHE D 320 -33.64 -22.26 30.89
C PHE D 320 -35.08 -22.59 31.20
N SER D 321 -36.00 -22.15 30.33
CA SER D 321 -37.44 -22.33 30.55
C SER D 321 -37.88 -23.75 30.92
N ASP D 322 -37.22 -24.73 30.31
CA ASP D 322 -37.53 -26.13 30.55
C ASP D 322 -36.46 -26.98 29.91
N GLU D 323 -36.64 -28.30 29.96
CA GLU D 323 -35.62 -29.26 29.57
C GLU D 323 -35.28 -29.24 28.07
N SER D 324 -36.26 -28.96 27.22
CA SER D 324 -36.02 -28.92 25.78
C SER D 324 -35.22 -27.70 25.35
N GLU D 325 -35.29 -26.61 26.11
CA GLU D 325 -34.49 -25.43 25.82
C GLU D 325 -33.05 -25.69 26.16
N LEU D 326 -32.84 -26.38 27.28
CA LEU D 326 -31.54 -26.89 27.67
C LEU D 326 -31.00 -27.83 26.60
N GLN D 327 -31.89 -28.65 26.05
CA GLN D 327 -31.52 -29.57 24.98
C GLN D 327 -31.01 -28.85 23.73
N TYR D 328 -31.70 -27.76 23.37
CA TYR D 328 -31.31 -26.94 22.22
C TYR D 328 -29.89 -26.42 22.37
N TRP D 329 -29.60 -25.86 23.54
CA TRP D 329 -28.29 -25.28 23.79
C TRP D 329 -27.19 -26.32 23.92
N ALA D 330 -27.52 -27.48 24.45
CA ALA D 330 -26.59 -28.61 24.48
C ALA D 330 -26.22 -29.04 23.06
N GLU D 331 -27.22 -29.10 22.18
CA GLU D 331 -27.01 -29.38 20.75
C GLU D 331 -26.25 -28.26 20.06
N ALA D 332 -26.60 -27.02 20.40
CA ALA D 332 -25.98 -25.84 19.78
C ALA D 332 -24.47 -25.75 20.05
N LEU D 333 -24.01 -26.39 21.13
CA LEU D 333 -22.58 -26.52 21.41
C LEU D 333 -21.84 -27.41 20.40
N ASP D 334 -22.56 -28.31 19.74
CA ASP D 334 -21.95 -29.12 18.67
C ASP D 334 -22.27 -28.53 17.29
N THR D 335 -23.46 -28.77 16.76
CA THR D 335 -23.84 -28.24 15.44
C THR D 335 -24.11 -26.72 15.47
N ILE D 340 -27.07 -20.67 15.45
CA ILE D 340 -25.97 -19.70 15.26
C ILE D 340 -26.33 -18.65 14.22
N SER D 341 -27.41 -18.91 13.48
CA SER D 341 -28.02 -17.90 12.63
C SER D 341 -28.96 -17.03 13.44
N SER D 342 -29.15 -17.40 14.70
CA SER D 342 -30.12 -16.72 15.55
C SER D 342 -29.51 -15.49 16.20
N ALA D 343 -30.37 -14.72 16.87
CA ALA D 343 -29.94 -13.56 17.63
C ALA D 343 -28.85 -13.94 18.63
N SER D 344 -29.14 -14.98 19.43
CA SER D 344 -28.21 -15.51 20.43
C SER D 344 -26.86 -15.96 19.83
N GLY D 345 -26.92 -16.69 18.72
CA GLY D 345 -25.72 -17.18 18.06
C GLY D 345 -24.85 -16.06 17.56
N ILE D 346 -25.48 -15.04 16.96
CA ILE D 346 -24.76 -13.87 16.46
C ILE D 346 -24.13 -13.11 17.63
N LEU D 347 -24.91 -12.91 18.68
CA LEU D 347 -24.46 -12.27 19.90
C LEU D 347 -23.21 -12.96 20.48
N MET D 348 -23.23 -14.29 20.46
CA MET D 348 -22.13 -15.07 21.00
C MET D 348 -20.94 -15.11 20.06
N ALA D 349 -21.19 -15.10 18.75
CA ALA D 349 -20.09 -15.02 17.79
C ALA D 349 -19.34 -13.68 17.94
N LEU D 350 -20.09 -12.62 18.20
CA LEU D 350 -19.51 -11.28 18.25
C LEU D 350 -18.64 -11.06 19.49
N ALA D 351 -18.99 -11.73 20.59
CA ALA D 351 -18.12 -11.76 21.78
C ALA D 351 -16.80 -12.46 21.45
N HIS D 352 -16.89 -13.66 20.86
CA HIS D 352 -15.69 -14.33 20.35
C HIS D 352 -14.89 -13.43 19.42
N ASP D 353 -15.56 -12.79 18.48
CA ASP D 353 -14.90 -11.94 17.49
C ASP D 353 -14.12 -10.84 18.14
N LEU D 354 -14.79 -10.10 19.03
CA LEU D 354 -14.15 -9.01 19.74
C LEU D 354 -12.91 -9.40 20.54
N ASP D 355 -12.93 -10.56 21.20
CA ASP D 355 -11.79 -10.92 22.07
C ASP D 355 -10.58 -11.36 21.25
N LEU D 356 -10.77 -11.66 19.97
CA LEU D 356 -9.64 -12.07 19.11
C LEU D 356 -8.54 -11.02 18.94
N MET D 357 -8.82 -9.76 19.32
CA MET D 357 -7.80 -8.71 19.32
C MET D 357 -6.61 -9.11 20.20
N ARG D 358 -6.81 -10.09 21.10
CA ARG D 358 -5.73 -10.55 21.96
C ARG D 358 -4.64 -11.26 21.17
N CYS D 359 -5.00 -11.89 20.04
CA CYS D 359 -4.06 -12.71 19.27
C CYS D 359 -4.05 -12.46 17.76
N TYR D 360 -4.81 -11.47 17.29
CA TYR D 360 -4.75 -11.08 15.89
C TYR D 360 -4.02 -9.74 15.79
N ASP D 361 -3.14 -9.58 14.81
CA ASP D 361 -2.57 -8.25 14.55
C ASP D 361 -3.64 -7.28 14.05
N LYS D 362 -3.27 -6.01 13.91
CA LYS D 362 -4.26 -4.98 13.66
C LYS D 362 -4.93 -5.18 12.32
N GLY D 363 -4.10 -5.45 11.29
CA GLY D 363 -4.61 -5.66 9.94
C GLY D 363 -5.61 -6.80 9.91
N LYS D 364 -5.23 -7.91 10.52
CA LYS D 364 -6.03 -9.13 10.53
C LYS D 364 -7.32 -8.92 11.32
N PHE D 365 -7.20 -8.34 12.52
CA PHE D 365 -8.36 -8.09 13.34
C PHE D 365 -9.35 -7.11 12.69
N ASN D 366 -8.85 -6.01 12.15
CA ASN D 366 -9.73 -5.03 11.53
C ASN D 366 -10.49 -5.58 10.32
N SER D 367 -9.80 -6.39 9.50
CA SER D 367 -10.41 -7.00 8.32
C SER D 367 -11.33 -8.17 8.62
N LEU D 368 -10.81 -9.12 9.41
CA LEU D 368 -11.53 -10.35 9.68
C LEU D 368 -12.67 -10.18 10.65
N LYS D 369 -12.57 -9.18 11.53
CA LYS D 369 -13.49 -9.12 12.66
C LYS D 369 -14.26 -7.81 12.75
N MET D 370 -13.55 -6.69 12.70
CA MET D 370 -14.20 -5.39 12.85
C MET D 370 -15.24 -5.07 11.78
N LYS D 371 -15.01 -5.52 10.55
CA LYS D 371 -15.92 -5.26 9.42
C LYS D 371 -17.26 -5.91 9.69
N ASP D 372 -17.22 -7.16 10.12
CA ASP D 372 -18.41 -7.93 10.51
C ASP D 372 -19.19 -7.29 11.67
N LEU D 373 -18.45 -6.71 12.61
CA LEU D 373 -19.08 -6.02 13.73
C LEU D 373 -19.71 -4.71 13.27
N VAL D 374 -19.00 -3.96 12.42
CA VAL D 374 -19.53 -2.74 11.86
C VAL D 374 -20.84 -2.99 11.09
N ALA D 375 -20.83 -3.99 10.20
CA ALA D 375 -22.03 -4.38 9.43
C ALA D 375 -23.21 -4.71 10.34
N ARG D 376 -22.94 -5.47 11.40
CA ARG D 376 -23.96 -5.89 12.34
C ARG D 376 -24.58 -4.72 13.08
N LEU D 377 -23.82 -3.65 13.26
CA LEU D 377 -24.30 -2.47 13.96
C LEU D 377 -24.80 -1.37 12.99
N GLY D 378 -25.34 -1.80 11.84
CA GLY D 378 -25.96 -0.90 10.88
C GLY D 378 -24.97 0.00 10.18
N GLY D 379 -23.74 -0.50 9.98
CA GLY D 379 -22.66 0.27 9.40
C GLY D 379 -22.13 1.35 10.31
N ASN D 380 -22.58 1.35 11.56
CA ASN D 380 -22.15 2.32 12.57
C ASN D 380 -20.74 2.01 13.09
N GLU D 381 -19.76 2.68 12.49
CA GLU D 381 -18.36 2.55 12.89
C GLU D 381 -18.06 2.96 14.35
N ASP D 382 -18.61 4.08 14.78
CA ASP D 382 -18.31 4.61 16.11
C ASP D 382 -18.83 3.69 17.21
N ALA D 383 -19.96 3.04 16.94
CA ALA D 383 -20.53 2.06 17.88
C ALA D 383 -19.60 0.87 18.00
N ALA D 384 -19.04 0.45 16.86
CA ALA D 384 -18.15 -0.68 16.83
C ALA D 384 -16.86 -0.39 17.58
N LYS D 385 -16.33 0.82 17.40
CA LYS D 385 -15.12 1.28 18.10
C LYS D 385 -15.30 1.28 19.60
N LYS D 386 -16.45 1.80 20.06
CA LYS D 386 -16.72 1.90 21.48
C LYS D 386 -16.78 0.48 22.08
N LEU D 387 -17.41 -0.43 21.34
CA LEU D 387 -17.48 -1.83 21.73
C LEU D 387 -16.07 -2.42 21.79
N ALA D 388 -15.28 -2.12 20.76
CA ALA D 388 -13.90 -2.59 20.71
C ALA D 388 -13.03 -1.98 21.81
N ASP D 389 -13.31 -0.71 22.14
CA ASP D 389 -12.60 -0.04 23.24
C ASP D 389 -12.80 -0.77 24.56
N TYR D 390 -14.04 -1.17 24.79
CA TYR D 390 -14.42 -1.87 26.02
C TYR D 390 -13.74 -3.22 26.11
N ALA D 391 -13.80 -4.00 25.02
CA ALA D 391 -13.11 -5.28 24.94
C ALA D 391 -11.59 -5.14 25.22
N HIS D 392 -11.00 -4.11 24.62
CA HIS D 392 -9.60 -3.77 24.87
C HIS D 392 -9.34 -3.52 26.37
N ASP D 393 -10.23 -2.76 27.01
CA ASP D 393 -10.04 -2.44 28.42
C ASP D 393 -10.19 -3.66 29.31
N LEU D 394 -11.00 -4.63 28.90
CA LEU D 394 -11.18 -5.84 29.70
C LEU D 394 -9.91 -6.70 29.62
N ILE D 395 -9.35 -6.78 28.41
CA ILE D 395 -8.10 -7.49 28.16
C ILE D 395 -6.97 -6.85 28.95
N VAL D 396 -6.91 -5.53 28.94
CA VAL D 396 -5.87 -4.80 29.68
C VAL D 396 -6.07 -5.00 31.18
N ALA D 397 -7.34 -4.99 31.61
CA ALA D 397 -7.67 -5.21 33.01
C ALA D 397 -7.23 -6.58 33.49
N THR D 398 -7.16 -7.56 32.59
CA THR D 398 -6.75 -8.92 32.95
C THR D 398 -5.28 -9.18 32.66
N GLY D 399 -4.58 -8.15 32.18
CA GLY D 399 -3.14 -8.22 31.90
C GLY D 399 -2.78 -9.08 30.70
N ASP D 400 -3.79 -9.41 29.89
CA ASP D 400 -3.58 -10.19 28.69
C ASP D 400 -2.86 -9.35 27.64
N ARG D 401 -2.32 -9.99 26.62
CA ARG D 401 -1.80 -9.25 25.50
C ARG D 401 -2.95 -8.73 24.64
N CYS D 402 -2.74 -7.55 24.05
CA CYS D 402 -3.65 -7.02 23.06
C CYS D 402 -2.83 -6.72 21.82
N MET D 403 -3.16 -7.41 20.74
CA MET D 403 -2.39 -7.27 19.52
C MET D 403 -3.17 -6.57 18.42
N GLY D 404 -4.50 -6.57 18.53
CA GLY D 404 -5.34 -6.31 17.37
C GLY D 404 -6.05 -4.97 17.28
N TYR D 405 -5.98 -4.20 18.36
CA TYR D 405 -6.80 -3.00 18.48
C TYR D 405 -6.34 -2.07 19.62
N GLY D 406 -6.50 -0.76 19.41
CA GLY D 406 -6.22 0.26 20.43
C GLY D 406 -4.75 0.32 20.84
N VAL D 407 -4.49 0.76 22.06
CA VAL D 407 -3.15 0.71 22.65
C VAL D 407 -2.77 -0.75 22.86
N THR D 408 -1.93 -1.25 21.97
CA THR D 408 -1.52 -2.64 22.06
C THR D 408 -0.52 -2.83 23.20
N GLN D 409 -0.40 -4.08 23.65
CA GLN D 409 0.56 -4.41 24.69
C GLN D 409 0.89 -5.87 24.66
N ASP D 410 2.08 -6.18 25.20
CA ASP D 410 2.48 -7.53 25.50
C ASP D 410 1.76 -7.96 26.79
N TYR D 411 1.89 -9.23 27.15
CA TYR D 411 1.40 -9.73 28.42
C TYR D 411 1.92 -8.90 29.58
N ASN D 412 1.03 -8.51 30.49
CA ASN D 412 1.44 -8.00 31.78
C ASN D 412 1.49 -9.22 32.70
N TYR D 413 2.67 -9.86 32.73
CA TYR D 413 2.82 -11.19 33.34
C TYR D 413 2.30 -11.29 34.75
N SER D 414 2.65 -10.30 35.57
CA SER D 414 2.21 -10.23 36.96
C SER D 414 0.66 -10.25 37.07
N LEU D 415 0.02 -9.33 36.34
CA LEU D 415 -1.44 -9.20 36.37
C LEU D 415 -2.17 -10.39 35.73
N PHE D 416 -1.66 -10.84 34.59
CA PHE D 416 -2.23 -11.99 33.87
C PHE D 416 -2.12 -13.28 34.67
N GLY D 417 -1.01 -13.44 35.38
CA GLY D 417 -0.83 -14.61 36.24
C GLY D 417 -1.87 -14.67 37.33
N LYS D 418 -2.10 -13.53 37.98
CA LYS D 418 -3.11 -13.42 39.02
C LYS D 418 -4.52 -13.63 38.50
N CYS D 419 -4.83 -13.06 37.34
CA CYS D 419 -6.16 -13.22 36.75
C CYS D 419 -6.39 -14.61 36.22
N SER D 420 -5.37 -15.16 35.55
CA SER D 420 -5.47 -16.47 34.94
C SER D 420 -5.46 -17.62 35.92
N LEU D 421 -4.93 -17.38 37.12
CA LEU D 421 -4.80 -18.47 38.10
C LEU D 421 -5.84 -18.40 39.21
N ASP D 422 -6.68 -17.38 39.15
CA ASP D 422 -7.72 -17.16 40.15
C ASP D 422 -8.91 -16.48 39.47
N PRO D 423 -9.92 -17.28 39.08
CA PRO D 423 -11.16 -16.77 38.46
C PRO D 423 -11.75 -15.59 39.23
N ASN D 424 -11.69 -15.64 40.55
CA ASN D 424 -12.25 -14.57 41.37
C ASN D 424 -11.53 -13.23 41.22
N GLU D 425 -10.20 -13.27 41.16
CA GLU D 425 -9.41 -12.06 40.84
C GLU D 425 -9.72 -11.55 39.44
N CYS D 426 -9.79 -12.46 38.48
CA CYS D 426 -10.14 -12.11 37.10
C CYS D 426 -11.45 -11.32 37.03
N LEU D 427 -12.50 -11.85 37.66
CA LEU D 427 -13.79 -11.17 37.73
C LEU D 427 -13.72 -9.76 38.33
N LYS D 428 -13.06 -9.61 39.47
CA LYS D 428 -12.85 -8.29 40.10
C LYS D 428 -12.30 -7.30 39.10
N GLN D 429 -11.23 -7.69 38.41
CA GLN D 429 -10.60 -6.85 37.41
C GLN D 429 -11.54 -6.51 36.28
N LEU D 430 -12.33 -7.48 35.83
CA LEU D 430 -13.36 -7.24 34.82
C LEU D 430 -14.41 -6.24 35.30
N GLN D 431 -14.79 -6.36 36.57
CA GLN D 431 -15.74 -5.48 37.25
C GLN D 431 -15.27 -4.03 37.24
N SER D 432 -13.95 -3.84 37.28
CA SER D 432 -13.39 -2.52 37.46
C SER D 432 -13.54 -1.63 36.23
N ILE D 433 -13.90 -2.21 35.08
CA ILE D 433 -14.04 -1.44 33.85
C ILE D 433 -15.49 -0.99 33.67
N PRO D 434 -15.72 0.34 33.68
CA PRO D 434 -17.07 0.85 33.42
C PRO D 434 -17.58 0.40 32.06
N LYS D 435 -18.82 -0.03 32.02
CA LYS D 435 -19.41 -0.48 30.78
C LYS D 435 -19.81 0.74 29.95
N PRO D 436 -19.59 0.68 28.62
CA PRO D 436 -19.90 1.82 27.77
C PRO D 436 -21.39 2.04 27.68
N GLU D 437 -21.79 3.31 27.64
CA GLU D 437 -23.20 3.66 27.61
C GLU D 437 -23.69 3.68 26.18
N THR D 438 -24.93 3.23 25.99
CA THR D 438 -25.56 3.18 24.68
C THR D 438 -26.20 4.52 24.30
PB ADP E . 29.91 26.78 20.17
O1B ADP E . 28.43 27.13 20.12
O2B ADP E . 30.69 27.52 21.23
O3B ADP E . 30.63 26.72 18.86
PA ADP E . 29.00 24.11 19.93
O1A ADP E . 27.51 24.32 20.12
O2A ADP E . 29.57 24.06 18.54
O3A ADP E . 29.84 25.25 20.69
O5' ADP E . 29.45 22.78 20.76
C5' ADP E . 28.82 22.33 21.96
C4' ADP E . 29.37 23.03 23.23
O4' ADP E . 28.52 22.72 24.35
C3' ADP E . 30.78 22.64 23.66
O3' ADP E . 31.61 23.80 23.68
C2' ADP E . 30.68 22.10 25.08
O2' ADP E . 31.53 22.73 26.04
C1' ADP E . 29.28 22.39 25.53
N9 ADP E . 28.75 21.17 26.20
C8 ADP E . 29.43 20.04 26.52
N7 ADP E . 28.62 19.15 27.12
C5 ADP E . 27.40 19.71 27.19
C6 ADP E . 26.07 19.32 27.69
N6 ADP E . 25.89 18.12 28.23
N1 ADP E . 25.06 20.21 27.56
C2 ADP E . 25.24 21.42 27.00
N3 ADP E . 26.41 21.83 26.50
C4 ADP E . 27.50 21.04 26.57
PB ADP F . 23.41 9.68 7.39
O1B ADP F . 23.08 9.97 5.96
O2B ADP F . 24.84 9.29 7.70
O3B ADP F . 22.86 10.72 8.32
PA ADP F . 22.87 7.52 9.00
O1A ADP F . 23.63 6.26 8.69
O2A ADP F . 23.42 8.49 10.03
O3A ADP F . 22.60 8.32 7.65
O5' ADP F . 21.34 7.17 9.32
C5' ADP F . 20.66 7.87 10.37
C4' ADP F . 19.36 7.16 10.66
O4' ADP F . 19.61 5.78 10.85
C3' ADP F . 18.73 7.67 11.91
O3' ADP F . 17.54 8.36 11.55
C2' ADP F . 18.33 6.44 12.69
O2' ADP F . 16.91 6.29 12.63
C1' ADP F . 18.97 5.25 12.01
N9 ADP F . 20.01 4.63 12.86
C8 ADP F . 21.33 4.91 12.78
N7 ADP F . 22.05 4.18 13.69
C5 ADP F . 21.18 3.40 14.36
C6 ADP F . 21.28 2.41 15.44
N6 ADP F . 22.48 2.10 15.99
N1 ADP F . 20.14 1.82 15.88
C2 ADP F . 18.95 2.13 15.34
N3 ADP F . 18.78 3.03 14.34
C4 ADP F . 19.85 3.70 13.82
P AMP G . 0.18 -2.69 -25.27
O1P AMP G . -1.05 -2.31 -26.04
O2P AMP G . -0.06 -3.52 -24.03
O3P AMP G . 1.34 -3.20 -26.08
O5' AMP G . 0.64 -1.23 -24.78
C5' AMP G . 0.65 -0.96 -23.39
C4' AMP G . 1.68 0.08 -23.02
O4' AMP G . 1.41 0.47 -21.67
C3' AMP G . 3.08 -0.48 -23.04
O3' AMP G . 3.83 0.19 -24.04
C2' AMP G . 3.65 -0.25 -21.64
O2' AMP G . 4.53 0.87 -21.58
C1' AMP G . 2.44 0.05 -20.78
N9 AMP G . 2.08 -1.20 -20.03
C8 AMP G . 1.05 -2.02 -20.29
N7 AMP G . 1.02 -3.08 -19.43
C5 AMP G . 2.06 -2.92 -18.59
C6 AMP G . 2.62 -3.66 -17.44
N6 AMP G . 2.04 -4.80 -17.02
N1 AMP G . 3.73 -3.18 -16.83
C2 AMP G . 4.32 -2.03 -17.25
N3 AMP G . 3.87 -1.32 -18.28
C4 AMP G . 2.76 -1.69 -18.99
PB ADP H . -13.41 -3.29 -6.53
O1B ADP H . -14.34 -4.14 -5.74
O2B ADP H . -11.99 -3.79 -6.66
O3B ADP H . -13.59 -1.82 -6.25
PA ADP H . -15.49 -3.19 -8.37
O1A ADP H . -16.21 -4.22 -7.59
O2A ADP H . -15.79 -1.71 -8.21
O3A ADP H . -13.95 -3.41 -8.04
O5' ADP H . -15.56 -3.55 -9.95
C5' ADP H . -15.10 -4.78 -10.59
C4' ADP H . -16.15 -5.84 -10.30
O4' ADP H . -17.42 -5.25 -10.15
C3' ADP H . -16.29 -6.90 -11.39
O3' ADP H . -16.27 -8.10 -10.65
C2' ADP H . -17.61 -6.65 -12.11
O2' ADP H . -18.51 -7.76 -12.20
C1' ADP H . -18.28 -5.62 -11.23
N9 ADP H . -18.59 -4.44 -12.02
C8 ADP H . -18.04 -3.21 -11.92
N7 ADP H . -18.60 -2.38 -12.84
C5 ADP H . -19.51 -3.10 -13.56
C6 ADP H . -20.44 -2.85 -14.68
N6 ADP H . -20.53 -1.62 -15.26
N1 ADP H . -21.19 -3.89 -15.11
C2 ADP H . -21.13 -5.13 -14.55
N3 ADP H . -20.30 -5.42 -13.53
C4 ADP H . -19.48 -4.46 -13.01
PB ADP I . 4.76 19.36 -23.03
O1B ADP I . 4.82 18.13 -22.14
O2B ADP I . 5.16 19.11 -24.46
O3B ADP I . 3.56 20.24 -22.84
PA ADP I . 6.33 19.98 -20.92
O1A ADP I . 5.48 18.83 -20.40
O2A ADP I . 6.46 21.25 -20.13
O3A ADP I . 5.88 20.32 -22.42
O5' ADP I . 7.78 19.47 -21.36
C5' ADP I . 8.56 18.63 -20.51
C4' ADP I . 9.90 19.32 -20.40
O4' ADP I . 10.16 19.72 -19.06
C3' ADP I . 11.03 18.40 -20.77
O3' ADP I . 11.35 18.80 -22.10
C2' ADP I . 12.15 18.65 -19.74
O2' ADP I . 13.41 19.09 -20.23
C1' ADP I . 11.58 19.89 -19.11
N9 ADP I . 12.22 20.35 -17.87
C8 ADP I . 12.82 21.56 -17.82
N7 ADP I . 13.37 21.81 -16.60
C5 ADP I . 13.11 20.72 -15.85
C6 ADP I . 13.41 20.35 -14.46
N6 ADP I . 14.10 21.24 -13.68
N1 ADP I . 12.97 19.13 -14.01
C2 ADP I . 12.30 18.29 -14.83
N3 ADP I . 11.98 18.57 -16.12
C4 ADP I . 12.35 19.75 -16.69
O5 RIB J . -15.05 -21.28 20.49
C5 RIB J . -14.00 -21.08 19.52
C4 RIB J . -12.68 -20.80 20.24
O4 RIB J . -11.76 -20.47 19.22
C3 RIB J . -12.86 -19.55 21.07
O3 RIB J . -12.29 -19.75 22.35
C2 RIB J . -12.24 -18.41 20.27
O2 RIB J . -11.07 -17.88 20.90
C1 RIB J . -11.68 -19.04 19.03
O1 RIB J . -10.31 -18.66 19.11
#